data_6T99
#
_entry.id   6T99
#
_cell.length_a   36.602
_cell.length_b   44.425
_cell.length_c   116.574
_cell.angle_alpha   96.420
_cell.angle_beta   98.700
_cell.angle_gamma   103.360
#
_symmetry.space_group_name_H-M   'P 1'
#
loop_
_entity.id
_entity.type
_entity.pdbx_description
1 polymer 'Fucose-binding lectin protein'
2 non-polymer 'methyl alpha-L-fucopyranoside'
3 non-polymer 'SODIUM ION'
4 water water
#
_entity_poly.entity_id   1
_entity_poly.type   'polypeptide(L)'
_entity_poly.pdbx_seq_one_letter_code
;SSVQTAATSWGTVPSIRVYTANNGKITERCYDGKGWYTGAFNEPGDNVSVTSWLVGSAIHIRVYASTGTTTTEWCYDGNG
WTKGAYTATN
;
_entity_poly.pdbx_strand_id   A,B,C,D,E,F,G,H,I
#
loop_
_chem_comp.id
_chem_comp.type
_chem_comp.name
_chem_comp.formula
MFU L-saccharide 'methyl alpha-L-fucopyranoside' 'C7 H14 O5'
NA non-polymer 'SODIUM ION' 'Na 1'
#
# COMPACT_ATOMS: atom_id res chain seq x y z
N SER A 2 48.51 -8.14 -17.29
CA SER A 2 47.29 -8.96 -17.45
C SER A 2 47.18 -10.03 -16.36
N VAL A 3 47.68 -9.78 -15.14
CA VAL A 3 47.33 -10.62 -13.95
C VAL A 3 46.19 -9.98 -13.18
N GLN A 4 45.42 -10.80 -12.47
CA GLN A 4 44.24 -10.41 -11.62
C GLN A 4 44.38 -11.13 -10.27
N THR A 5 44.28 -10.41 -9.15
CA THR A 5 44.58 -10.95 -7.80
C THR A 5 43.34 -10.93 -6.89
N ALA A 6 43.39 -11.76 -5.84
CA ALA A 6 42.43 -11.80 -4.71
C ALA A 6 43.21 -12.17 -3.45
N ALA A 7 42.78 -11.69 -2.28
CA ALA A 7 43.54 -11.82 -1.03
C ALA A 7 42.61 -12.04 0.16
N THR A 8 43.09 -12.79 1.15
CA THR A 8 42.41 -13.01 2.45
C THR A 8 43.50 -13.13 3.53
N SER A 9 43.11 -12.93 4.79
CA SER A 9 44.03 -12.97 5.97
C SER A 9 43.27 -13.46 7.19
N TRP A 10 43.98 -13.87 8.24
CA TRP A 10 43.36 -14.31 9.52
C TRP A 10 44.40 -14.37 10.64
N GLY A 11 43.92 -14.28 11.89
CA GLY A 11 44.76 -14.28 13.10
C GLY A 11 45.49 -12.95 13.25
N THR A 12 46.49 -12.90 14.13
CA THR A 12 47.25 -11.67 14.48
C THR A 12 48.72 -11.80 14.08
N VAL A 13 49.11 -12.94 13.53
CA VAL A 13 50.53 -13.21 13.14
C VAL A 13 50.97 -12.24 12.06
N PRO A 14 50.26 -12.06 10.92
CA PRO A 14 49.09 -12.86 10.55
C PRO A 14 49.40 -13.96 9.54
N SER A 15 48.36 -14.68 9.10
CA SER A 15 48.41 -15.55 7.91
C SER A 15 47.71 -14.82 6.76
N ILE A 16 48.39 -14.76 5.60
CA ILE A 16 47.88 -14.13 4.35
C ILE A 16 47.92 -15.18 3.23
N ARG A 17 46.96 -15.12 2.30
CA ARG A 17 46.91 -15.96 1.08
C ARG A 17 46.56 -15.05 -0.10
N VAL A 18 47.32 -15.13 -1.21
CA VAL A 18 47.16 -14.25 -2.39
C VAL A 18 47.05 -15.11 -3.66
N TYR A 19 45.90 -15.05 -4.32
CA TYR A 19 45.54 -15.89 -5.50
C TYR A 19 45.69 -15.03 -6.75
N THR A 20 46.47 -15.52 -7.72
CA THR A 20 46.83 -14.78 -8.96
C THR A 20 46.35 -15.56 -10.18
N ALA A 21 45.49 -14.94 -10.99
CA ALA A 21 44.97 -15.50 -12.26
C ALA A 21 45.86 -15.00 -13.42
N ASN A 22 46.62 -15.90 -14.02
CA ASN A 22 47.59 -15.56 -15.10
C ASN A 22 47.50 -16.59 -16.22
N ASN A 23 47.08 -16.17 -17.41
CA ASN A 23 47.10 -17.01 -18.65
C ASN A 23 46.31 -18.29 -18.36
N GLY A 24 45.14 -18.15 -17.75
CA GLY A 24 44.14 -19.22 -17.55
C GLY A 24 44.43 -20.12 -16.37
N LYS A 25 45.49 -19.84 -15.58
CA LYS A 25 45.89 -20.69 -14.44
C LYS A 25 45.94 -19.85 -13.17
N ILE A 26 45.27 -20.28 -12.09
CA ILE A 26 45.30 -19.62 -10.76
C ILE A 26 46.28 -20.36 -9.86
N THR A 27 47.18 -19.62 -9.20
CA THR A 27 48.19 -20.16 -8.25
C THR A 27 48.11 -19.37 -6.94
N GLU A 28 48.69 -19.91 -5.86
CA GLU A 28 48.55 -19.41 -4.47
C GLU A 28 49.93 -19.08 -3.88
N ARG A 29 50.09 -17.93 -3.23
CA ARG A 29 51.30 -17.55 -2.46
C ARG A 29 50.89 -17.34 -0.99
N CYS A 30 51.69 -17.83 -0.05
CA CYS A 30 51.31 -17.99 1.37
C CYS A 30 52.34 -17.29 2.27
N TYR A 31 51.86 -16.71 3.38
CA TYR A 31 52.67 -16.05 4.43
C TYR A 31 52.12 -16.46 5.80
N ASP A 32 52.97 -16.99 6.68
CA ASP A 32 52.55 -17.45 8.04
C ASP A 32 53.47 -16.87 9.11
N GLY A 33 54.16 -15.77 8.83
CA GLY A 33 54.97 -15.01 9.81
C GLY A 33 56.46 -15.20 9.61
N LYS A 34 56.85 -16.06 8.68
CA LYS A 34 58.27 -16.30 8.27
C LYS A 34 58.41 -15.77 6.84
N GLY A 35 58.62 -16.63 5.85
CA GLY A 35 58.79 -16.21 4.45
C GLY A 35 57.52 -16.37 3.64
N TRP A 36 57.52 -15.84 2.41
CA TRP A 36 56.51 -16.15 1.37
C TRP A 36 56.88 -17.45 0.67
N TYR A 37 55.92 -18.38 0.51
CA TYR A 37 56.11 -19.69 -0.17
C TYR A 37 54.91 -20.00 -1.08
N THR A 38 55.09 -20.94 -2.01
CA THR A 38 54.05 -21.38 -2.96
C THR A 38 53.15 -22.41 -2.25
N GLY A 39 51.83 -22.23 -2.36
CA GLY A 39 50.82 -23.09 -1.70
C GLY A 39 50.31 -24.17 -2.63
N ALA A 40 49.50 -25.09 -2.09
CA ALA A 40 49.03 -26.32 -2.78
C ALA A 40 48.05 -25.97 -3.90
N PHE A 41 47.28 -24.88 -3.77
CA PHE A 41 46.20 -24.51 -4.72
C PHE A 41 46.76 -24.28 -6.12
N ASN A 42 46.22 -25.01 -7.09
CA ASN A 42 46.55 -24.90 -8.54
C ASN A 42 45.33 -25.38 -9.34
N GLU A 43 44.57 -24.46 -9.93
CA GLU A 43 43.32 -24.75 -10.70
C GLU A 43 43.18 -23.80 -11.89
N PRO A 44 42.36 -24.14 -12.90
CA PRO A 44 42.11 -23.25 -14.04
C PRO A 44 41.19 -22.06 -13.71
N GLY A 45 41.46 -20.88 -14.29
CA GLY A 45 40.57 -19.70 -14.19
C GLY A 45 41.12 -18.43 -14.84
N ASP A 46 40.22 -17.53 -15.30
CA ASP A 46 40.57 -16.19 -15.82
C ASP A 46 40.32 -15.12 -14.76
N ASN A 47 39.49 -15.42 -13.75
CA ASN A 47 39.05 -14.47 -12.70
C ASN A 47 38.93 -15.22 -11.38
N VAL A 48 39.28 -14.57 -10.27
CA VAL A 48 39.27 -15.18 -8.91
C VAL A 48 38.71 -14.19 -7.89
N SER A 49 37.97 -14.70 -6.90
CA SER A 49 37.65 -14.01 -5.62
C SER A 49 37.80 -15.02 -4.49
N VAL A 50 37.81 -14.58 -3.23
CA VAL A 50 38.12 -15.45 -2.07
C VAL A 50 37.49 -14.88 -0.79
N THR A 51 37.18 -15.76 0.16
CA THR A 51 36.73 -15.41 1.53
C THR A 51 37.13 -16.57 2.44
N SER A 52 37.23 -16.32 3.75
CA SER A 52 37.65 -17.33 4.75
C SER A 52 37.07 -17.00 6.12
N TRP A 53 37.02 -18.00 7.02
CA TRP A 53 36.50 -17.88 8.41
C TRP A 53 37.16 -18.93 9.29
N LEU A 54 37.25 -18.65 10.59
CA LEU A 54 37.85 -19.57 11.61
C LEU A 54 36.73 -20.25 12.39
N VAL A 55 36.92 -21.53 12.71
CA VAL A 55 36.19 -22.27 13.78
C VAL A 55 37.23 -22.65 14.82
N GLY A 56 37.27 -21.91 15.94
CA GLY A 56 38.40 -21.96 16.88
C GLY A 56 39.66 -21.49 16.19
N SER A 57 40.67 -22.37 16.04
CA SER A 57 41.96 -22.04 15.38
C SER A 57 42.06 -22.75 14.01
N ALA A 58 40.98 -23.37 13.54
CA ALA A 58 40.92 -24.10 12.25
C ALA A 58 40.40 -23.14 11.15
N ILE A 59 41.21 -22.87 10.13
CA ILE A 59 40.84 -21.99 9.00
C ILE A 59 40.04 -22.79 7.97
N HIS A 60 39.06 -22.13 7.34
CA HIS A 60 38.27 -22.64 6.18
C HIS A 60 38.30 -21.57 5.08
N ILE A 61 38.67 -21.93 3.86
CA ILE A 61 38.81 -20.99 2.71
C ILE A 61 37.88 -21.44 1.58
N ARG A 62 37.28 -20.48 0.87
CA ARG A 62 36.47 -20.72 -0.35
C ARG A 62 36.99 -19.80 -1.46
N VAL A 63 37.44 -20.37 -2.59
CA VAL A 63 37.97 -19.63 -3.76
C VAL A 63 37.00 -19.83 -4.93
N TYR A 64 36.62 -18.75 -5.63
CA TYR A 64 35.64 -18.78 -6.74
C TYR A 64 36.36 -18.50 -8.06
N ALA A 65 36.72 -19.58 -8.76
CA ALA A 65 37.47 -19.56 -10.04
C ALA A 65 36.49 -19.58 -11.21
N SER A 66 36.63 -18.63 -12.15
CA SER A 66 35.64 -18.38 -13.24
C SER A 66 36.35 -18.38 -14.59
N THR A 67 35.88 -19.23 -15.51
CA THR A 67 36.32 -19.27 -16.93
C THR A 67 35.07 -19.09 -17.79
N GLY A 68 35.07 -18.08 -18.68
CA GLY A 68 33.87 -17.72 -19.47
C GLY A 68 32.69 -17.41 -18.57
N THR A 69 31.67 -18.26 -18.53
CA THR A 69 30.45 -18.07 -17.71
C THR A 69 30.39 -19.11 -16.57
N THR A 70 31.36 -20.02 -16.50
CA THR A 70 31.40 -21.11 -15.50
C THR A 70 32.22 -20.64 -14.30
N THR A 71 31.62 -20.66 -13.11
CA THR A 71 32.30 -20.38 -11.81
C THR A 71 32.33 -21.67 -10.99
N THR A 72 33.52 -22.09 -10.56
CA THR A 72 33.74 -23.29 -9.73
C THR A 72 34.24 -22.88 -8.35
N GLU A 73 33.54 -23.33 -7.29
CA GLU A 73 33.94 -23.15 -5.88
C GLU A 73 34.96 -24.23 -5.53
N TRP A 74 36.04 -23.86 -4.82
CA TRP A 74 37.09 -24.79 -4.34
C TRP A 74 37.21 -24.61 -2.82
N CYS A 75 37.12 -25.71 -2.06
CA CYS A 75 37.02 -25.69 -0.58
C CYS A 75 38.33 -26.18 0.04
N TYR A 76 38.88 -25.44 1.01
CA TYR A 76 39.95 -25.90 1.93
C TYR A 76 39.37 -25.98 3.34
N ASP A 77 39.51 -27.14 4.00
CA ASP A 77 38.89 -27.42 5.33
C ASP A 77 39.84 -28.24 6.21
N GLY A 78 41.16 -28.12 6.02
CA GLY A 78 42.17 -28.78 6.85
C GLY A 78 42.99 -29.82 6.09
N ASN A 79 42.52 -30.29 4.92
CA ASN A 79 42.95 -31.60 4.35
C ASN A 79 42.85 -31.52 2.81
N GLY A 80 43.62 -30.62 2.22
CA GLY A 80 43.67 -30.40 0.75
C GLY A 80 42.44 -29.69 0.21
N TRP A 81 42.32 -29.59 -1.12
CA TRP A 81 41.29 -28.79 -1.82
C TRP A 81 40.30 -29.72 -2.54
N THR A 82 38.99 -29.45 -2.38
CA THR A 82 37.87 -30.24 -2.99
C THR A 82 36.87 -29.29 -3.66
N LYS A 83 36.10 -29.79 -4.63
CA LYS A 83 35.01 -29.03 -5.29
C LYS A 83 33.84 -28.86 -4.33
N GLY A 84 33.19 -27.70 -4.39
CA GLY A 84 32.04 -27.35 -3.53
C GLY A 84 30.74 -27.31 -4.32
N ALA A 85 29.61 -27.17 -3.63
CA ALA A 85 28.24 -27.31 -4.17
C ALA A 85 27.79 -26.05 -4.93
N TYR A 86 28.57 -24.95 -4.92
CA TYR A 86 28.15 -23.64 -5.49
C TYR A 86 27.74 -23.79 -6.96
N THR A 87 26.62 -23.15 -7.32
CA THR A 87 26.09 -23.01 -8.70
C THR A 87 25.73 -21.54 -8.91
N ALA A 88 25.86 -21.04 -10.13
CA ALA A 88 25.78 -19.59 -10.43
C ALA A 88 24.37 -19.12 -10.80
N THR A 89 23.46 -20.01 -11.23
CA THR A 89 22.09 -19.64 -11.69
C THR A 89 21.47 -18.60 -10.75
N SER B 2 33.57 -13.08 -20.22
CA SER B 2 34.01 -13.71 -18.94
C SER B 2 33.32 -13.02 -17.76
N VAL B 3 32.83 -13.78 -16.79
CA VAL B 3 32.15 -13.27 -15.56
C VAL B 3 33.20 -12.87 -14.51
N GLN B 4 32.83 -11.93 -13.64
CA GLN B 4 33.72 -11.35 -12.58
C GLN B 4 33.01 -11.42 -11.23
N THR B 5 33.66 -11.95 -10.20
CA THR B 5 33.01 -12.27 -8.89
C THR B 5 33.62 -11.47 -7.74
N ALA B 6 32.87 -11.38 -6.65
CA ALA B 6 33.30 -10.88 -5.32
C ALA B 6 32.58 -11.70 -4.26
N ALA B 7 33.21 -11.91 -3.10
CA ALA B 7 32.68 -12.81 -2.06
C ALA B 7 32.96 -12.26 -0.66
N THR B 8 32.05 -12.55 0.27
CA THR B 8 32.16 -12.22 1.71
C THR B 8 31.48 -13.33 2.51
N SER B 9 31.77 -13.43 3.81
CA SER B 9 31.29 -14.49 4.72
C SER B 9 31.20 -13.93 6.14
N TRP B 10 30.48 -14.62 7.04
CA TRP B 10 30.38 -14.21 8.47
C TRP B 10 29.81 -15.36 9.32
N GLY B 11 30.10 -15.33 10.62
CA GLY B 11 29.70 -16.36 11.59
C GLY B 11 30.50 -17.65 11.39
N THR B 12 30.05 -18.74 12.01
CA THR B 12 30.75 -20.04 12.04
C THR B 12 29.90 -21.12 11.36
N VAL B 13 28.72 -20.77 10.85
CA VAL B 13 27.81 -21.74 10.18
C VAL B 13 28.48 -22.29 8.91
N PRO B 14 29.00 -21.47 7.98
CA PRO B 14 28.87 -20.01 7.99
C PRO B 14 27.76 -19.49 7.05
N SER B 15 27.65 -18.17 6.95
CA SER B 15 26.89 -17.49 5.86
C SER B 15 27.89 -16.96 4.85
N ILE B 16 27.65 -17.23 3.56
CA ILE B 16 28.47 -16.76 2.40
C ILE B 16 27.55 -16.02 1.43
N ARG B 17 28.08 -14.98 0.76
CA ARG B 17 27.39 -14.21 -0.31
C ARG B 17 28.38 -14.03 -1.47
N VAL B 18 27.95 -14.34 -2.71
CA VAL B 18 28.82 -14.31 -3.92
C VAL B 18 28.13 -13.48 -5.01
N TYR B 19 28.75 -12.36 -5.39
CA TYR B 19 28.21 -11.37 -6.35
C TYR B 19 28.91 -11.56 -7.69
N THR B 20 28.14 -11.76 -8.76
CA THR B 20 28.64 -12.11 -10.11
C THR B 20 28.20 -11.03 -11.10
N ALA B 21 29.16 -10.39 -11.79
CA ALA B 21 28.92 -9.39 -12.85
C ALA B 21 28.93 -10.10 -14.20
N ASN B 22 27.77 -10.20 -14.84
CA ASN B 22 27.58 -10.96 -16.10
C ASN B 22 26.72 -10.13 -17.06
N ASN B 23 27.32 -9.74 -18.20
CA ASN B 23 26.63 -9.01 -19.29
C ASN B 23 25.96 -7.75 -18.70
N GLY B 24 26.68 -7.02 -17.84
CA GLY B 24 26.26 -5.69 -17.32
C GLY B 24 25.29 -5.76 -16.15
N LYS B 25 24.96 -6.96 -15.66
CA LYS B 25 24.00 -7.16 -14.55
C LYS B 25 24.67 -7.94 -13.42
N ILE B 26 24.60 -7.44 -12.18
CA ILE B 26 25.14 -8.11 -10.97
C ILE B 26 24.00 -8.82 -10.24
N THR B 27 24.20 -10.08 -9.89
CA THR B 27 23.24 -10.94 -9.15
C THR B 27 23.96 -11.56 -7.94
N GLU B 28 23.19 -12.06 -6.97
CA GLU B 28 23.68 -12.53 -5.65
C GLU B 28 23.27 -14.00 -5.45
N ARG B 29 24.21 -14.84 -4.99
CA ARG B 29 23.95 -16.25 -4.59
C ARG B 29 24.30 -16.39 -3.10
N CYS B 30 23.46 -17.09 -2.34
CA CYS B 30 23.48 -17.09 -0.85
C CYS B 30 23.59 -18.52 -0.31
N TYR B 31 24.31 -18.66 0.81
CA TYR B 31 24.48 -19.95 1.54
C TYR B 31 24.38 -19.65 3.04
N ASP B 32 23.49 -20.36 3.76
CA ASP B 32 23.26 -20.15 5.21
C ASP B 32 23.28 -21.50 5.95
N GLY B 33 23.95 -22.51 5.39
CA GLY B 33 24.21 -23.80 6.06
C GLY B 33 23.36 -24.93 5.50
N LYS B 34 22.44 -24.61 4.58
CA LYS B 34 21.59 -25.60 3.87
C LYS B 34 22.03 -25.59 2.40
N GLY B 35 21.19 -25.13 1.48
CA GLY B 35 21.53 -25.09 0.04
C GLY B 35 21.96 -23.69 -0.41
N TRP B 36 22.40 -23.59 -1.66
CA TRP B 36 22.64 -22.31 -2.36
C TRP B 36 21.32 -21.83 -2.97
N TYR B 37 20.97 -20.55 -2.78
CA TYR B 37 19.74 -19.91 -3.33
C TYR B 37 20.05 -18.52 -3.88
N THR B 38 19.14 -17.98 -4.69
CA THR B 38 19.27 -16.64 -5.30
C THR B 38 18.78 -15.59 -4.28
N GLY B 39 19.57 -14.52 -4.08
CA GLY B 39 19.30 -13.45 -3.12
C GLY B 39 18.61 -12.26 -3.76
N ALA B 40 18.20 -11.29 -2.94
CA ALA B 40 17.39 -10.10 -3.32
C ALA B 40 18.19 -9.15 -4.21
N PHE B 41 19.53 -9.08 -4.05
CA PHE B 41 20.39 -8.10 -4.76
C PHE B 41 20.31 -8.30 -6.28
N ASN B 42 19.94 -7.23 -6.99
CA ASN B 42 19.90 -7.19 -8.48
C ASN B 42 20.11 -5.73 -8.91
N GLU B 43 21.29 -5.39 -9.44
CA GLU B 43 21.65 -4.01 -9.88
C GLU B 43 22.54 -4.07 -11.13
N PRO B 44 22.67 -2.96 -11.90
CA PRO B 44 23.59 -2.90 -13.03
C PRO B 44 25.07 -2.76 -12.61
N GLY B 45 25.99 -3.39 -13.35
CA GLY B 45 27.46 -3.23 -13.16
C GLY B 45 28.29 -4.11 -14.07
N ASP B 46 29.51 -3.66 -14.42
CA ASP B 46 30.53 -4.45 -15.19
C ASP B 46 31.58 -5.02 -14.23
N ASN B 47 31.72 -4.43 -13.04
CA ASN B 47 32.75 -4.78 -12.03
C ASN B 47 32.14 -4.68 -10.63
N VAL B 48 32.54 -5.57 -9.72
CA VAL B 48 32.00 -5.60 -8.32
C VAL B 48 33.13 -5.86 -7.32
N SER B 49 33.04 -5.25 -6.14
CA SER B 49 33.79 -5.62 -4.91
C SER B 49 32.81 -5.58 -3.73
N VAL B 50 33.20 -6.10 -2.56
CA VAL B 50 32.28 -6.24 -1.40
C VAL B 50 33.06 -6.28 -0.09
N THR B 51 32.43 -5.86 1.01
CA THR B 51 32.92 -6.03 2.40
C THR B 51 31.70 -6.08 3.32
N SER B 52 31.84 -6.62 4.53
CA SER B 52 30.73 -6.75 5.50
C SER B 52 31.27 -6.80 6.94
N TRP B 53 30.40 -6.52 7.91
CA TRP B 53 30.71 -6.53 9.37
C TRP B 53 29.43 -6.82 10.16
N LEU B 54 29.58 -7.40 11.35
CA LEU B 54 28.46 -7.72 12.28
C LEU B 54 28.43 -6.67 13.39
N VAL B 55 27.22 -6.25 13.79
CA VAL B 55 26.97 -5.54 15.08
C VAL B 55 26.06 -6.47 15.88
N GLY B 56 26.62 -7.16 16.87
CA GLY B 56 25.95 -8.31 17.51
C GLY B 56 25.72 -9.40 16.50
N SER B 57 24.47 -9.75 16.22
CA SER B 57 24.09 -10.81 15.24
C SER B 57 23.48 -10.19 13.97
N ALA B 58 23.52 -8.86 13.84
CA ALA B 58 22.97 -8.11 12.68
C ALA B 58 24.08 -7.88 11.65
N ILE B 59 23.93 -8.44 10.44
CA ILE B 59 24.93 -8.28 9.34
C ILE B 59 24.68 -6.95 8.63
N HIS B 60 25.77 -6.30 8.19
CA HIS B 60 25.76 -5.11 7.31
C HIS B 60 26.71 -5.37 6.14
N ILE B 61 26.22 -5.20 4.91
CA ILE B 61 26.99 -5.47 3.67
C ILE B 61 27.08 -4.18 2.85
N ARG B 62 28.22 -3.95 2.19
CA ARG B 62 28.43 -2.85 1.22
C ARG B 62 29.00 -3.42 -0.08
N VAL B 63 28.30 -3.23 -1.20
CA VAL B 63 28.70 -3.74 -2.55
C VAL B 63 29.02 -2.53 -3.44
N TYR B 64 30.14 -2.54 -4.14
CA TYR B 64 30.62 -1.41 -4.98
C TYR B 64 30.53 -1.81 -6.47
N ALA B 65 29.42 -1.43 -7.10
CA ALA B 65 29.07 -1.72 -8.50
C ALA B 65 29.57 -0.58 -9.39
N SER B 66 30.32 -0.90 -10.45
CA SER B 66 31.03 0.07 -11.32
C SER B 66 30.67 -0.17 -12.79
N THR B 67 30.13 0.85 -13.47
CA THR B 67 29.95 0.89 -14.94
C THR B 67 30.72 2.08 -15.50
N GLY B 68 31.61 1.83 -16.46
CA GLY B 68 32.50 2.87 -17.01
C GLY B 68 33.36 3.46 -15.91
N THR B 69 33.12 4.72 -15.55
CA THR B 69 33.89 5.45 -14.48
C THR B 69 33.02 5.70 -13.25
N THR B 70 31.74 5.30 -13.30
CA THR B 70 30.77 5.52 -12.19
C THR B 70 30.78 4.28 -11.28
N THR B 71 31.06 4.50 -9.99
CA THR B 71 30.96 3.47 -8.93
C THR B 71 29.83 3.85 -7.97
N THR B 72 28.88 2.94 -7.77
CA THR B 72 27.71 3.13 -6.88
C THR B 72 27.80 2.16 -5.71
N GLU B 73 27.74 2.66 -4.48
CA GLU B 73 27.69 1.87 -3.23
C GLU B 73 26.23 1.45 -3.01
N TRP B 74 26.01 0.18 -2.63
CA TRP B 74 24.67 -0.38 -2.29
C TRP B 74 24.74 -0.96 -0.87
N CYS B 75 23.83 -0.55 0.00
CA CYS B 75 23.86 -0.87 1.46
C CYS B 75 22.75 -1.87 1.80
N TYR B 76 23.11 -2.94 2.52
CA TYR B 76 22.15 -3.85 3.21
C TYR B 76 22.36 -3.69 4.72
N ASP B 77 21.28 -3.43 5.46
CA ASP B 77 21.30 -3.12 6.91
C ASP B 77 20.05 -3.71 7.59
N GLY B 78 19.53 -4.83 7.09
CA GLY B 78 18.51 -5.63 7.81
C GLY B 78 17.18 -5.72 7.10
N ASN B 79 16.91 -4.85 6.11
CA ASN B 79 15.70 -5.00 5.25
C ASN B 79 15.91 -4.26 3.93
N GLY B 80 16.30 -4.99 2.88
CA GLY B 80 16.36 -4.45 1.51
C GLY B 80 17.61 -3.61 1.28
N TRP B 81 17.82 -3.23 0.03
CA TRP B 81 19.08 -2.60 -0.48
C TRP B 81 18.81 -1.13 -0.83
N THR B 82 19.68 -0.22 -0.38
CA THR B 82 19.56 1.26 -0.60
C THR B 82 20.89 1.83 -1.09
N LYS B 83 20.86 2.96 -1.79
CA LYS B 83 22.08 3.67 -2.27
C LYS B 83 22.77 4.33 -1.06
N GLY B 84 24.11 4.32 -1.08
CA GLY B 84 24.96 4.85 0.00
C GLY B 84 25.65 6.15 -0.38
N ALA B 85 26.30 6.79 0.58
CA ALA B 85 26.87 8.15 0.47
C ALA B 85 28.21 8.15 -0.29
N TYR B 86 28.78 7.00 -0.65
CA TYR B 86 30.08 6.89 -1.35
C TYR B 86 30.09 7.74 -2.62
N THR B 87 31.18 8.49 -2.82
CA THR B 87 31.45 9.34 -4.00
C THR B 87 32.92 9.10 -4.35
N ALA B 88 33.26 9.00 -5.64
CA ALA B 88 34.65 8.71 -6.09
C ALA B 88 35.46 10.01 -6.06
N SER C 2 36.38 1.66 -18.09
CA SER C 2 35.89 0.87 -16.89
C SER C 2 36.94 0.88 -15.77
N VAL C 3 36.53 1.25 -14.55
CA VAL C 3 37.38 1.20 -13.32
C VAL C 3 37.22 -0.17 -12.65
N GLN C 4 38.20 -0.56 -11.83
CA GLN C 4 38.21 -1.81 -11.02
C GLN C 4 38.46 -1.47 -9.55
N THR C 5 37.66 -2.03 -8.63
CA THR C 5 37.66 -1.66 -7.19
C THR C 5 38.06 -2.85 -6.31
N ALA C 6 38.48 -2.54 -5.09
CA ALA C 6 38.72 -3.48 -3.97
C ALA C 6 38.31 -2.77 -2.66
N ALA C 7 37.83 -3.51 -1.67
CA ALA C 7 37.28 -2.92 -0.44
C ALA C 7 37.60 -3.77 0.78
N THR C 8 37.78 -3.12 1.93
CA THR C 8 37.98 -3.75 3.25
C THR C 8 37.32 -2.86 4.31
N SER C 9 37.06 -3.41 5.51
CA SER C 9 36.41 -2.71 6.64
C SER C 9 36.92 -3.29 7.97
N TRP C 10 36.68 -2.59 9.08
CA TRP C 10 37.03 -3.09 10.44
C TRP C 10 36.31 -2.29 11.52
N GLY C 11 36.16 -2.91 12.70
CA GLY C 11 35.44 -2.34 13.85
C GLY C 11 33.95 -2.36 13.61
N THR C 12 33.20 -1.65 14.45
CA THR C 12 31.71 -1.60 14.42
C THR C 12 31.22 -0.18 14.11
N VAL C 13 32.13 0.76 13.88
CA VAL C 13 31.78 2.19 13.58
C VAL C 13 30.98 2.26 12.28
N PRO C 14 31.43 1.68 11.13
CA PRO C 14 32.75 1.08 10.98
C PRO C 14 33.76 2.01 10.29
N SER C 15 34.97 1.50 10.07
CA SER C 15 35.96 2.09 9.13
C SER C 15 35.95 1.26 7.85
N ILE C 16 35.84 1.94 6.69
CA ILE C 16 35.86 1.32 5.33
C ILE C 16 36.97 1.99 4.52
N ARG C 17 37.60 1.23 3.61
CA ARG C 17 38.63 1.74 2.66
C ARG C 17 38.34 1.13 1.28
N VAL C 18 38.30 1.96 0.23
CA VAL C 18 37.90 1.54 -1.15
C VAL C 18 38.96 2.00 -2.16
N TYR C 19 39.63 1.04 -2.81
CA TYR C 19 40.79 1.27 -3.71
C TYR C 19 40.29 1.13 -5.16
N THR C 20 40.52 2.15 -5.98
CA THR C 20 40.01 2.24 -7.37
C THR C 20 41.19 2.32 -8.35
N ALA C 21 41.27 1.39 -9.29
CA ALA C 21 42.28 1.36 -10.38
C ALA C 21 41.69 2.04 -11.61
N ASN C 22 42.21 3.21 -11.97
CA ASN C 22 41.68 4.04 -13.08
C ASN C 22 42.84 4.57 -13.92
N ASN C 23 42.91 4.10 -15.17
CA ASN C 23 43.90 4.55 -16.17
C ASN C 23 45.31 4.45 -15.59
N GLY C 24 45.63 3.31 -14.97
CA GLY C 24 46.99 2.95 -14.52
C GLY C 24 47.36 3.55 -13.16
N LYS C 25 46.45 4.26 -12.49
CA LYS C 25 46.71 4.87 -11.15
C LYS C 25 45.67 4.38 -10.14
N ILE C 26 46.13 3.88 -8.98
CA ILE C 26 45.24 3.46 -7.86
C ILE C 26 45.17 4.58 -6.81
N THR C 27 43.95 4.93 -6.38
CA THR C 27 43.68 5.95 -5.33
C THR C 27 42.75 5.35 -4.27
N GLU C 28 42.67 5.99 -3.09
CA GLU C 28 42.00 5.46 -1.87
C GLU C 28 40.93 6.44 -1.40
N ARG C 29 39.73 5.94 -1.06
CA ARG C 29 38.64 6.73 -0.42
C ARG C 29 38.33 6.11 0.95
N CYS C 30 38.12 6.93 1.97
CA CYS C 30 38.10 6.52 3.41
C CYS C 30 36.79 6.97 4.07
N TYR C 31 36.29 6.16 5.00
CA TYR C 31 35.08 6.43 5.82
C TYR C 31 35.36 5.99 7.25
N ASP C 32 35.17 6.87 8.24
CA ASP C 32 35.44 6.59 9.67
C ASP C 32 34.25 7.00 10.53
N GLY C 33 33.04 7.06 9.96
CA GLY C 33 31.78 7.25 10.70
C GLY C 33 31.20 8.64 10.51
N LYS C 34 31.92 9.52 9.82
CA LYS C 34 31.43 10.86 9.42
C LYS C 34 31.30 10.87 7.89
N GLY C 35 32.14 11.61 7.17
CA GLY C 35 32.06 11.70 5.70
C GLY C 35 33.07 10.81 5.00
N TRP C 36 32.97 10.72 3.68
CA TRP C 36 33.98 10.11 2.79
C TRP C 36 35.05 11.16 2.47
N TYR C 37 36.33 10.80 2.58
CA TYR C 37 37.50 11.67 2.26
C TYR C 37 38.57 10.89 1.49
N THR C 38 39.49 11.61 0.85
CA THR C 38 40.60 11.02 0.05
C THR C 38 41.73 10.65 1.01
N GLY C 39 42.26 9.43 0.88
CA GLY C 39 43.33 8.89 1.75
C GLY C 39 44.70 9.07 1.13
N ALA C 40 45.74 8.73 1.90
CA ALA C 40 47.17 8.96 1.57
C ALA C 40 47.61 8.08 0.39
N PHE C 41 47.04 6.88 0.23
CA PHE C 41 47.49 5.87 -0.74
C PHE C 41 47.34 6.42 -2.18
N ASN C 42 48.44 6.43 -2.91
CA ASN C 42 48.52 6.82 -4.34
C ASN C 42 49.71 6.10 -4.97
N GLU C 43 49.46 5.05 -5.77
CA GLU C 43 50.50 4.21 -6.42
C GLU C 43 50.05 3.78 -7.80
N PRO C 44 50.98 3.34 -8.69
CA PRO C 44 50.61 2.84 -10.02
C PRO C 44 50.01 1.43 -9.98
N GLY C 45 49.00 1.15 -10.83
CA GLY C 45 48.45 -0.21 -11.00
C GLY C 45 47.27 -0.28 -11.97
N ASP C 46 47.10 -1.42 -12.64
CA ASP C 46 45.95 -1.73 -13.54
C ASP C 46 44.91 -2.59 -12.79
N ASN C 47 45.35 -3.29 -11.74
CA ASN C 47 44.52 -4.24 -10.96
C ASN C 47 44.88 -4.13 -9.48
N VAL C 48 43.90 -4.26 -8.59
CA VAL C 48 44.09 -4.13 -7.11
C VAL C 48 43.27 -5.20 -6.38
N SER C 49 43.82 -5.71 -5.28
CA SER C 49 43.10 -6.47 -4.22
C SER C 49 43.59 -5.98 -2.86
N VAL C 50 42.91 -6.35 -1.77
CA VAL C 50 43.21 -5.80 -0.42
C VAL C 50 42.75 -6.78 0.67
N THR C 51 43.41 -6.73 1.82
CA THR C 51 43.00 -7.43 3.06
C THR C 51 43.55 -6.63 4.25
N SER C 52 43.00 -6.83 5.44
CA SER C 52 43.39 -6.09 6.67
C SER C 52 43.08 -6.93 7.91
N TRP C 53 43.75 -6.61 9.02
CA TRP C 53 43.57 -7.28 10.34
C TRP C 53 43.94 -6.31 11.46
N LEU C 54 43.35 -6.53 12.64
CA LEU C 54 43.64 -5.75 13.87
C LEU C 54 44.57 -6.56 14.76
N VAL C 55 45.57 -5.90 15.33
CA VAL C 55 46.42 -6.43 16.44
C VAL C 55 46.17 -5.52 17.63
N GLY C 56 45.38 -6.00 18.59
CA GLY C 56 44.71 -5.14 19.58
C GLY C 56 43.80 -4.16 18.88
N SER C 57 44.08 -2.86 19.00
CA SER C 57 43.28 -1.77 18.39
C SER C 57 44.03 -1.13 17.21
N ALA C 58 45.17 -1.70 16.80
CA ALA C 58 46.03 -1.18 15.71
C ALA C 58 45.65 -1.86 14.40
N ILE C 59 45.21 -1.09 13.38
CA ILE C 59 44.86 -1.65 12.04
C ILE C 59 46.15 -1.84 11.22
N HIS C 60 46.18 -2.91 10.42
CA HIS C 60 47.23 -3.21 9.40
C HIS C 60 46.53 -3.53 8.08
N ILE C 61 46.94 -2.87 6.99
CA ILE C 61 46.35 -3.07 5.63
C ILE C 61 47.46 -3.53 4.68
N ARG C 62 47.14 -4.44 3.76
CA ARG C 62 48.02 -4.87 2.66
C ARG C 62 47.26 -4.75 1.33
N VAL C 63 47.79 -3.96 0.40
CA VAL C 63 47.19 -3.72 -0.95
C VAL C 63 48.12 -4.33 -2.01
N TYR C 64 47.57 -5.10 -2.95
CA TYR C 64 48.34 -5.81 -4.00
C TYR C 64 48.07 -5.17 -5.36
N ALA C 65 48.96 -4.25 -5.76
CA ALA C 65 48.89 -3.47 -7.01
C ALA C 65 49.68 -4.20 -8.11
N SER C 66 49.05 -4.40 -9.26
CA SER C 66 49.59 -5.24 -10.38
C SER C 66 49.58 -4.44 -11.68
N THR C 67 50.74 -4.29 -12.31
CA THR C 67 50.95 -3.67 -13.64
C THR C 67 51.63 -4.70 -14.56
N GLY C 68 51.00 -5.01 -15.69
CA GLY C 68 51.38 -6.16 -16.53
C GLY C 68 51.37 -7.44 -15.72
N THR C 69 52.54 -8.03 -15.45
CA THR C 69 52.70 -9.29 -14.70
C THR C 69 53.39 -9.03 -13.34
N THR C 70 53.74 -7.78 -13.06
CA THR C 70 54.46 -7.37 -11.81
C THR C 70 53.43 -6.98 -10.75
N THR C 71 53.47 -7.65 -9.59
CA THR C 71 52.57 -7.38 -8.44
C THR C 71 53.42 -6.85 -7.28
N THR C 72 53.07 -5.67 -6.76
CA THR C 72 53.78 -4.99 -5.65
C THR C 72 52.85 -4.91 -4.43
N GLU C 73 53.32 -5.42 -3.29
CA GLU C 73 52.61 -5.31 -1.98
C GLU C 73 52.94 -3.94 -1.38
N TRP C 74 51.94 -3.26 -0.83
CA TRP C 74 52.08 -1.96 -0.13
C TRP C 74 51.51 -2.10 1.28
N CYS C 75 52.29 -1.76 2.31
CA CYS C 75 51.97 -2.01 3.74
C CYS C 75 51.60 -0.70 4.44
N TYR C 76 50.49 -0.69 5.18
CA TYR C 76 50.14 0.37 6.17
C TYR C 76 50.13 -0.27 7.56
N ASP C 77 50.86 0.33 8.52
CA ASP C 77 50.99 -0.20 9.90
C ASP C 77 50.96 0.92 10.95
N GLY C 78 50.33 2.04 10.66
CA GLY C 78 50.10 3.11 11.65
C GLY C 78 50.73 4.43 11.24
N ASN C 79 51.68 4.44 10.30
CA ASN C 79 52.31 5.72 9.85
C ASN C 79 52.87 5.53 8.44
N GLY C 80 52.10 5.90 7.43
CA GLY C 80 52.57 5.95 6.03
C GLY C 80 52.60 4.58 5.39
N TRP C 81 52.83 4.56 4.08
CA TRP C 81 52.80 3.34 3.22
C TRP C 81 54.22 2.98 2.78
N THR C 82 54.60 1.70 2.92
CA THR C 82 55.95 1.17 2.57
C THR C 82 55.80 -0.10 1.71
N LYS C 83 56.82 -0.41 0.90
CA LYS C 83 56.87 -1.64 0.08
C LYS C 83 57.09 -2.86 1.00
N GLY C 84 56.44 -3.98 0.66
CA GLY C 84 56.48 -5.23 1.43
C GLY C 84 57.30 -6.30 0.74
N ALA C 85 57.54 -7.41 1.43
CA ALA C 85 58.50 -8.49 1.03
C ALA C 85 57.87 -9.45 0.01
N TYR C 86 56.59 -9.29 -0.35
CA TYR C 86 55.86 -10.20 -1.28
C TYR C 86 56.63 -10.38 -2.59
N THR C 87 56.70 -11.64 -3.04
CA THR C 87 57.32 -12.07 -4.32
C THR C 87 56.34 -12.99 -5.04
N ALA C 88 56.29 -12.91 -6.37
CA ALA C 88 55.31 -13.61 -7.22
C ALA C 88 55.69 -15.09 -7.48
N THR C 89 56.92 -15.49 -7.14
CA THR C 89 57.42 -16.89 -7.22
C THR C 89 56.33 -17.89 -6.84
N SER D 2 -3.24 -3.68 -16.75
CA SER D 2 -3.90 -3.76 -15.40
C SER D 2 -3.21 -4.80 -14.52
N VAL D 3 -2.84 -4.42 -13.29
CA VAL D 3 -2.11 -5.30 -12.34
C VAL D 3 -3.11 -6.05 -11.45
N GLN D 4 -2.69 -7.21 -10.94
CA GLN D 4 -3.48 -8.11 -10.06
C GLN D 4 -2.63 -8.45 -8.83
N THR D 5 -3.15 -8.28 -7.61
CA THR D 5 -2.36 -8.42 -6.35
C THR D 5 -2.87 -9.54 -5.47
N ALA D 6 -2.01 -10.00 -4.57
CA ALA D 6 -2.30 -10.96 -3.47
C ALA D 6 -1.45 -10.57 -2.27
N ALA D 7 -1.94 -10.81 -1.05
CA ALA D 7 -1.28 -10.31 0.19
C ALA D 7 -1.41 -11.33 1.30
N THR D 8 -0.40 -11.35 2.18
CA THR D 8 -0.36 -12.16 3.42
C THR D 8 0.41 -11.37 4.48
N SER D 9 0.24 -11.72 5.75
CA SER D 9 0.87 -11.02 6.91
C SER D 9 1.09 -12.02 8.04
N TRP D 10 1.91 -11.67 9.03
CA TRP D 10 2.16 -12.53 10.23
C TRP D 10 2.84 -11.73 11.34
N GLY D 11 2.69 -12.22 12.58
CA GLY D 11 3.26 -11.60 13.79
C GLY D 11 2.51 -10.34 14.16
N THR D 12 3.09 -9.52 15.04
CA THR D 12 2.44 -8.31 15.63
C THR D 12 3.18 -7.04 15.22
N VAL D 13 4.26 -7.16 14.47
CA VAL D 13 5.10 -5.99 14.06
C VAL D 13 4.28 -5.06 13.15
N PRO D 14 3.64 -5.55 12.06
CA PRO D 14 3.75 -6.90 11.56
C PRO D 14 4.72 -7.04 10.38
N SER D 15 4.80 -8.26 9.83
CA SER D 15 5.42 -8.53 8.51
C SER D 15 4.30 -8.70 7.47
N ILE D 16 4.40 -7.99 6.35
CA ILE D 16 3.45 -8.05 5.20
C ILE D 16 4.25 -8.40 3.95
N ARG D 17 3.63 -9.14 3.03
CA ARG D 17 4.18 -9.49 1.69
C ARG D 17 3.08 -9.28 0.65
N VAL D 18 3.38 -8.57 -0.45
CA VAL D 18 2.38 -8.20 -1.49
C VAL D 18 2.94 -8.60 -2.87
N TYR D 19 2.25 -9.54 -3.53
CA TYR D 19 2.66 -10.14 -4.82
C TYR D 19 1.82 -9.51 -5.94
N THR D 20 2.50 -8.97 -6.96
CA THR D 20 1.86 -8.19 -8.06
C THR D 20 2.16 -8.88 -9.38
N ALA D 21 1.11 -9.25 -10.12
CA ALA D 21 1.20 -9.86 -11.46
C ALA D 21 1.06 -8.76 -12.51
N ASN D 22 2.13 -8.46 -13.24
CA ASN D 22 2.18 -7.34 -14.22
C ASN D 22 2.89 -7.79 -15.49
N ASN D 23 2.16 -7.83 -16.61
CA ASN D 23 2.71 -8.15 -17.95
C ASN D 23 3.43 -9.51 -17.87
N GLY D 24 2.82 -10.50 -17.23
CA GLY D 24 3.29 -11.90 -17.22
C GLY D 24 4.41 -12.17 -16.22
N LYS D 25 4.81 -11.19 -15.40
CA LYS D 25 5.88 -11.35 -14.37
C LYS D 25 5.33 -11.00 -12.99
N ILE D 26 5.54 -11.88 -12.00
CA ILE D 26 5.14 -11.64 -10.59
C ILE D 26 6.39 -11.19 -9.79
N THR D 27 6.25 -10.12 -9.02
CA THR D 27 7.31 -9.56 -8.13
C THR D 27 6.73 -9.38 -6.73
N GLU D 28 7.60 -9.22 -5.73
CA GLU D 28 7.27 -9.21 -4.28
C GLU D 28 7.74 -7.90 -3.65
N ARG D 29 6.88 -7.27 -2.84
CA ARG D 29 7.22 -6.08 -2.01
C ARG D 29 7.02 -6.45 -0.54
N CYS D 30 7.94 -6.04 0.34
CA CYS D 30 8.08 -6.55 1.73
C CYS D 30 8.04 -5.39 2.73
N TYR D 31 7.46 -5.63 3.89
CA TYR D 31 7.39 -4.67 5.03
C TYR D 31 7.66 -5.47 6.32
N ASP D 32 8.62 -5.03 7.13
CA ASP D 32 9.01 -5.71 8.40
C ASP D 32 9.10 -4.67 9.52
N GLY D 33 8.39 -3.54 9.42
CA GLY D 33 8.27 -2.55 10.50
C GLY D 33 9.02 -1.28 10.20
N LYS D 34 9.75 -1.22 9.08
CA LYS D 34 10.53 -0.02 8.69
C LYS D 34 9.98 0.53 7.38
N GLY D 35 10.71 0.38 6.27
CA GLY D 35 10.23 0.79 4.95
C GLY D 35 9.69 -0.39 4.16
N TRP D 36 9.13 -0.11 2.99
CA TRP D 36 8.82 -1.11 1.93
C TRP D 36 10.07 -1.33 1.09
N TYR D 37 10.43 -2.59 0.82
CA TYR D 37 11.59 -2.98 -0.04
C TYR D 37 11.20 -4.13 -0.98
N THR D 38 12.01 -4.34 -2.02
CA THR D 38 11.79 -5.41 -3.04
C THR D 38 12.35 -6.72 -2.49
N GLY D 39 11.56 -7.80 -2.58
CA GLY D 39 11.90 -9.13 -2.05
C GLY D 39 12.50 -10.02 -3.12
N ALA D 40 12.97 -11.21 -2.71
CA ALA D 40 13.69 -12.21 -3.53
C ALA D 40 12.78 -12.81 -4.61
N PHE D 41 11.48 -12.94 -4.35
CA PHE D 41 10.54 -13.67 -5.24
C PHE D 41 10.44 -12.96 -6.60
N ASN D 42 10.72 -13.71 -7.66
CA ASN D 42 10.62 -13.24 -9.07
C ASN D 42 10.36 -14.46 -9.97
N GLU D 43 9.12 -14.63 -10.45
CA GLU D 43 8.69 -15.79 -11.28
C GLU D 43 7.67 -15.36 -12.32
N PRO D 44 7.44 -16.15 -13.40
CA PRO D 44 6.41 -15.85 -14.39
C PRO D 44 4.98 -16.15 -13.89
N GLY D 45 4.00 -15.32 -14.26
CA GLY D 45 2.56 -15.57 -14.00
C GLY D 45 1.64 -14.44 -14.43
N ASP D 46 0.39 -14.75 -14.81
CA ASP D 46 -0.68 -13.77 -15.13
C ASP D 46 -1.63 -13.58 -13.94
N ASN D 47 -1.65 -14.56 -13.02
CA ASN D 47 -2.54 -14.56 -11.83
C ASN D 47 -1.76 -15.12 -10.63
N VAL D 48 -2.02 -14.59 -9.44
CA VAL D 48 -1.34 -15.00 -8.18
C VAL D 48 -2.36 -15.09 -7.05
N SER D 49 -2.17 -16.06 -6.14
CA SER D 49 -2.78 -16.12 -4.79
C SER D 49 -1.70 -16.57 -3.81
N VAL D 50 -1.95 -16.46 -2.50
CA VAL D 50 -0.90 -16.69 -1.47
C VAL D 50 -1.56 -17.07 -0.13
N THR D 51 -0.83 -17.84 0.67
CA THR D 51 -1.19 -18.19 2.07
C THR D 51 0.12 -18.46 2.83
N SER D 52 0.10 -18.38 4.15
CA SER D 52 1.30 -18.57 5.00
C SER D 52 0.88 -19.04 6.40
N TRP D 53 1.83 -19.62 7.13
CA TRP D 53 1.65 -20.12 8.52
C TRP D 53 3.00 -20.11 9.26
N LEU D 54 2.94 -19.99 10.59
CA LEU D 54 4.13 -20.00 11.48
C LEU D 54 4.25 -21.37 12.13
N VAL D 55 5.47 -21.89 12.25
CA VAL D 55 5.84 -23.02 13.17
C VAL D 55 6.83 -22.42 14.17
N GLY D 56 6.36 -22.14 15.39
CA GLY D 56 7.08 -21.28 16.34
C GLY D 56 7.23 -19.89 15.75
N SER D 57 8.47 -19.44 15.51
CA SER D 57 8.76 -18.09 14.94
C SER D 57 9.26 -18.21 13.49
N ALA D 58 9.19 -19.41 12.89
CA ALA D 58 9.64 -19.68 11.50
C ALA D 58 8.44 -19.55 10.55
N ILE D 59 8.51 -18.61 9.60
CA ILE D 59 7.42 -18.39 8.59
C ILE D 59 7.59 -19.39 7.45
N HIS D 60 6.46 -19.84 6.91
CA HIS D 60 6.37 -20.67 5.68
C HIS D 60 5.32 -20.02 4.75
N ILE D 61 5.67 -19.76 3.50
CA ILE D 61 4.80 -19.08 2.49
C ILE D 61 4.61 -20.02 1.29
N ARG D 62 3.41 -20.04 0.72
CA ARG D 62 3.10 -20.75 -0.54
C ARG D 62 2.41 -19.78 -1.50
N VAL D 63 2.99 -19.57 -2.68
CA VAL D 63 2.47 -18.66 -3.74
C VAL D 63 2.04 -19.51 -4.95
N TYR D 64 0.84 -19.28 -5.48
CA TYR D 64 0.27 -20.07 -6.60
C TYR D 64 0.22 -19.19 -7.86
N ALA D 65 1.26 -19.33 -8.70
CA ALA D 65 1.46 -18.56 -9.96
C ALA D 65 0.86 -19.35 -11.13
N SER D 66 0.00 -18.70 -11.92
CA SER D 66 -0.81 -19.35 -12.98
C SER D 66 -0.61 -18.62 -14.31
N THR D 67 -0.18 -19.35 -15.34
CA THR D 67 -0.11 -18.87 -16.75
C THR D 67 -0.95 -19.82 -17.61
N GLY D 68 -1.94 -19.30 -18.32
CA GLY D 68 -2.90 -20.12 -19.08
C GLY D 68 -3.62 -21.10 -18.16
N THR D 69 -3.33 -22.40 -18.29
CA THR D 69 -3.96 -23.49 -17.50
C THR D 69 -2.93 -24.13 -16.56
N THR D 70 -1.68 -23.67 -16.58
CA THR D 70 -0.60 -24.18 -15.68
C THR D 70 -0.57 -23.34 -14.41
N THR D 71 -0.72 -23.97 -13.25
CA THR D 71 -0.52 -23.35 -11.91
C THR D 71 0.70 -24.00 -11.27
N THR D 72 1.69 -23.18 -10.87
CA THR D 72 2.95 -23.64 -10.22
C THR D 72 2.99 -23.11 -8.79
N GLU D 73 3.17 -24.01 -7.82
CA GLU D 73 3.36 -23.68 -6.39
C GLU D 73 4.82 -23.32 -6.16
N TRP D 74 5.09 -22.25 -5.41
CA TRP D 74 6.47 -21.80 -5.04
C TRP D 74 6.56 -21.72 -3.51
N CYS D 75 7.54 -22.38 -2.91
CA CYS D 75 7.66 -22.59 -1.44
C CYS D 75 8.80 -21.72 -0.87
N TYR D 76 8.52 -20.96 0.20
CA TYR D 76 9.55 -20.32 1.06
C TYR D 76 9.49 -20.97 2.44
N ASP D 77 10.63 -21.44 2.94
CA ASP D 77 10.74 -22.22 4.21
C ASP D 77 12.05 -21.86 4.93
N GLY D 78 12.55 -20.62 4.77
CA GLY D 78 13.63 -20.08 5.61
C GLY D 78 14.88 -19.73 4.83
N ASN D 79 15.08 -20.30 3.62
CA ASN D 79 16.22 -19.92 2.75
C ASN D 79 15.86 -20.11 1.29
N GLY D 80 15.39 -19.06 0.63
CA GLY D 80 15.16 -19.05 -0.84
C GLY D 80 13.89 -19.80 -1.22
N TRP D 81 13.55 -19.74 -2.51
CA TRP D 81 12.27 -20.19 -3.09
C TRP D 81 12.48 -21.45 -3.94
N THR D 82 11.66 -22.49 -3.75
CA THR D 82 11.74 -23.80 -4.47
C THR D 82 10.35 -24.18 -5.00
N LYS D 83 10.30 -25.01 -6.04
CA LYS D 83 9.03 -25.55 -6.60
C LYS D 83 8.44 -26.58 -5.63
N GLY D 84 7.11 -26.60 -5.52
CA GLY D 84 6.35 -27.49 -4.63
C GLY D 84 5.60 -28.56 -5.42
N ALA D 85 5.03 -29.55 -4.73
CA ALA D 85 4.45 -30.78 -5.31
C ALA D 85 3.04 -30.54 -5.89
N TYR D 86 2.46 -29.35 -5.73
CA TYR D 86 1.06 -29.05 -6.14
C TYR D 86 0.85 -29.40 -7.62
N THR D 87 -0.27 -30.05 -7.91
CA THR D 87 -0.75 -30.41 -9.28
C THR D 87 -2.23 -30.07 -9.36
N ALA D 88 -2.73 -29.68 -10.53
CA ALA D 88 -4.13 -29.26 -10.74
C ALA D 88 -4.97 -30.43 -11.27
N THR D 89 -6.21 -30.15 -11.68
CA THR D 89 -7.14 -31.06 -12.41
C THR D 89 -6.92 -32.54 -12.07
N SER E 2 -6.99 -17.68 -19.09
CA SER E 2 -6.12 -17.91 -17.90
C SER E 2 -7.00 -18.22 -16.67
N VAL E 3 -6.61 -19.21 -15.87
CA VAL E 3 -7.34 -19.65 -14.64
C VAL E 3 -6.94 -18.76 -13.46
N GLN E 4 -7.84 -18.67 -12.47
CA GLN E 4 -7.74 -17.75 -11.31
C GLN E 4 -7.89 -18.54 -10.00
N THR E 5 -6.99 -18.31 -9.03
CA THR E 5 -6.87 -19.14 -7.81
C THR E 5 -7.14 -18.35 -6.54
N ALA E 6 -7.45 -19.08 -5.47
CA ALA E 6 -7.57 -18.59 -4.07
C ALA E 6 -7.05 -19.70 -3.15
N ALA E 7 -6.50 -19.35 -2.00
CA ALA E 7 -5.84 -20.33 -1.09
C ALA E 7 -6.09 -19.97 0.37
N THR E 8 -6.17 -20.98 1.22
CA THR E 8 -6.27 -20.87 2.69
C THR E 8 -5.51 -22.04 3.30
N SER E 9 -5.14 -21.92 4.58
CA SER E 9 -4.35 -22.92 5.34
C SER E 9 -4.73 -22.86 6.82
N TRP E 10 -4.38 -23.89 7.58
CA TRP E 10 -4.62 -23.93 9.05
C TRP E 10 -3.78 -25.03 9.71
N GLY E 11 -3.53 -24.86 11.02
CA GLY E 11 -2.65 -25.75 11.81
C GLY E 11 -1.20 -25.56 11.44
N THR E 12 -0.34 -26.48 11.90
CA THR E 12 1.14 -26.43 11.70
C THR E 12 1.62 -27.62 10.86
N VAL E 13 0.70 -28.49 10.42
CA VAL E 13 1.04 -29.70 9.62
C VAL E 13 1.66 -29.28 8.28
N PRO E 14 1.06 -28.38 7.48
CA PRO E 14 -0.28 -27.83 7.70
C PRO E 14 -1.35 -28.52 6.83
N SER E 15 -2.57 -28.01 6.91
CA SER E 15 -3.65 -28.29 5.94
C SER E 15 -3.77 -27.07 5.02
N ILE E 16 -3.79 -27.31 3.70
CA ILE E 16 -3.94 -26.27 2.64
C ILE E 16 -5.14 -26.65 1.77
N ARG E 17 -5.86 -25.64 1.26
CA ARG E 17 -6.95 -25.80 0.28
C ARG E 17 -6.77 -24.75 -0.83
N VAL E 18 -6.82 -25.17 -2.10
CA VAL E 18 -6.56 -24.28 -3.27
C VAL E 18 -7.72 -24.38 -4.27
N TYR E 19 -8.42 -23.27 -4.47
CA TYR E 19 -9.65 -23.17 -5.30
C TYR E 19 -9.28 -22.55 -6.64
N THR E 20 -9.62 -23.23 -7.74
CA THR E 20 -9.26 -22.80 -9.12
C THR E 20 -10.54 -22.57 -9.93
N ALA E 21 -10.72 -21.37 -10.46
CA ALA E 21 -11.81 -20.99 -11.39
C ALA E 21 -11.36 -21.20 -12.84
N ASN E 22 -11.90 -22.20 -13.53
CA ASN E 22 -11.42 -22.66 -14.85
C ASN E 22 -12.63 -22.98 -15.73
N ASN E 23 -12.80 -22.21 -16.81
CA ASN E 23 -13.90 -22.41 -17.79
C ASN E 23 -15.24 -22.44 -17.06
N GLY E 24 -15.46 -21.51 -16.11
CA GLY E 24 -16.76 -21.29 -15.44
C GLY E 24 -17.05 -22.27 -14.32
N LYS E 25 -16.11 -23.15 -13.98
CA LYS E 25 -16.29 -24.17 -12.91
C LYS E 25 -15.17 -24.03 -11.89
N ILE E 26 -15.50 -23.96 -10.60
CA ILE E 26 -14.52 -23.90 -9.48
C ILE E 26 -14.37 -25.31 -8.87
N THR E 27 -13.12 -25.75 -8.70
CA THR E 27 -12.74 -27.07 -8.14
C THR E 27 -11.73 -26.85 -7.01
N GLU E 28 -11.54 -27.87 -6.16
CA GLU E 28 -10.76 -27.80 -4.90
C GLU E 28 -9.65 -28.86 -4.92
N ARG E 29 -8.43 -28.48 -4.54
CA ARG E 29 -7.28 -29.41 -4.32
C ARG E 29 -6.84 -29.31 -2.86
N CYS E 30 -6.55 -30.44 -2.22
CA CYS E 30 -6.39 -30.55 -0.74
C CYS E 30 -5.04 -31.17 -0.38
N TYR E 31 -4.44 -30.72 0.72
CA TYR E 31 -3.17 -31.22 1.28
C TYR E 31 -3.30 -31.30 2.80
N ASP E 32 -3.02 -32.46 3.41
CA ASP E 32 -3.16 -32.68 4.87
C ASP E 32 -1.88 -33.31 5.46
N GLY E 33 -0.74 -33.18 4.76
CA GLY E 33 0.57 -33.61 5.25
C GLY E 33 1.08 -34.85 4.54
N LYS E 34 0.26 -35.47 3.69
CA LYS E 34 0.67 -36.60 2.81
C LYS E 34 0.68 -36.09 1.37
N GLY E 35 -0.23 -36.53 0.51
CA GLY E 35 -0.27 -36.10 -0.90
C GLY E 35 -1.30 -35.03 -1.17
N TRP E 36 -1.30 -34.48 -2.38
CA TRP E 36 -2.39 -33.62 -2.91
C TRP E 36 -3.49 -34.51 -3.49
N TYR E 37 -4.76 -34.23 -3.16
CA TYR E 37 -5.95 -34.96 -3.66
C TYR E 37 -7.08 -33.98 -4.01
N THR E 38 -8.06 -34.44 -4.78
CA THR E 38 -9.23 -33.63 -5.23
C THR E 38 -10.27 -33.65 -4.11
N GLY E 39 -10.80 -32.48 -3.76
CA GLY E 39 -11.79 -32.31 -2.67
C GLY E 39 -13.23 -32.31 -3.19
N ALA E 40 -14.19 -32.29 -2.27
CA ALA E 40 -15.64 -32.42 -2.52
C ALA E 40 -16.18 -31.19 -3.26
N PHE E 41 -15.61 -30.00 -3.04
CA PHE E 41 -16.14 -28.72 -3.57
C PHE E 41 -16.13 -28.73 -5.10
N ASN E 42 -17.30 -28.49 -5.70
CA ASN E 42 -17.50 -28.38 -7.16
C ASN E 42 -18.74 -27.51 -7.42
N GLU E 43 -18.56 -26.25 -7.82
CA GLU E 43 -19.64 -25.25 -8.02
C GLU E 43 -19.30 -24.30 -9.17
N PRO E 44 -20.30 -23.61 -9.78
CA PRO E 44 -20.03 -22.69 -10.88
C PRO E 44 -19.43 -21.34 -10.44
N GLY E 45 -18.49 -20.77 -11.22
CA GLY E 45 -17.93 -19.43 -10.97
C GLY E 45 -16.86 -19.02 -11.97
N ASP E 46 -16.71 -17.70 -12.19
CA ASP E 46 -15.62 -17.09 -13.02
C ASP E 46 -14.52 -16.53 -12.11
N ASN E 47 -14.84 -16.26 -10.84
CA ASN E 47 -13.92 -15.61 -9.87
C ASN E 47 -14.16 -16.23 -8.48
N VAL E 48 -13.10 -16.39 -7.69
CA VAL E 48 -13.18 -17.01 -6.33
C VAL E 48 -12.29 -16.25 -5.34
N SER E 49 -12.74 -16.16 -4.08
CA SER E 49 -11.93 -15.79 -2.90
C SER E 49 -12.31 -16.73 -1.75
N VAL E 50 -11.54 -16.76 -0.66
CA VAL E 50 -11.73 -17.75 0.43
C VAL E 50 -11.17 -17.22 1.75
N THR E 51 -11.72 -17.70 2.87
CA THR E 51 -11.20 -17.47 4.25
C THR E 51 -11.67 -18.65 5.12
N SER E 52 -11.03 -18.88 6.26
CA SER E 52 -11.34 -20.02 7.17
C SER E 52 -10.90 -19.71 8.60
N TRP E 53 -11.44 -20.44 9.58
CA TRP E 53 -11.14 -20.31 11.04
C TRP E 53 -11.42 -21.64 11.75
N LEU E 54 -10.73 -21.89 12.85
CA LEU E 54 -10.88 -23.11 13.69
C LEU E 54 -11.72 -22.78 14.92
N VAL E 55 -12.60 -23.71 15.32
CA VAL E 55 -13.20 -23.78 16.69
C VAL E 55 -12.70 -25.08 17.30
N GLY E 56 -11.72 -24.99 18.20
CA GLY E 56 -10.95 -26.17 18.66
C GLY E 56 -10.21 -26.77 17.48
N SER E 57 -10.52 -28.02 17.11
CA SER E 57 -9.87 -28.73 15.98
C SER E 57 -10.82 -28.84 14.77
N ALA E 58 -11.99 -28.19 14.83
CA ALA E 58 -13.01 -28.22 13.76
C ALA E 58 -12.81 -27.01 12.82
N ILE E 59 -12.51 -27.27 11.55
CA ILE E 59 -12.30 -26.20 10.53
C ILE E 59 -13.66 -25.74 9.99
N HIS E 60 -13.77 -24.44 9.69
CA HIS E 60 -14.92 -23.80 9.00
C HIS E 60 -14.37 -22.97 7.84
N ILE E 61 -14.89 -23.18 6.63
CA ILE E 61 -14.40 -22.52 5.38
C ILE E 61 -15.57 -21.77 4.75
N ARG E 62 -15.29 -20.59 4.17
CA ARG E 62 -16.28 -19.80 3.38
C ARG E 62 -15.65 -19.44 2.04
N VAL E 63 -16.25 -19.86 0.93
CA VAL E 63 -15.78 -19.61 -0.46
C VAL E 63 -16.77 -18.68 -1.16
N TYR E 64 -16.29 -17.62 -1.81
CA TYR E 64 -17.15 -16.60 -2.48
C TYR E 64 -16.98 -16.72 -4.00
N ALA E 65 -17.92 -17.46 -4.62
CA ALA E 65 -17.99 -17.75 -6.06
C ALA E 65 -18.84 -16.69 -6.77
N SER E 66 -18.30 -16.08 -7.82
CA SER E 66 -18.90 -14.92 -8.52
C SER E 66 -19.01 -15.20 -10.02
N THR E 67 -20.22 -15.10 -10.55
CA THR E 67 -20.55 -15.22 -12.00
C THR E 67 -21.27 -13.93 -12.40
N GLY E 68 -20.75 -13.22 -13.41
CA GLY E 68 -21.24 -11.86 -13.77
C GLY E 68 -21.19 -10.92 -12.57
N THR E 69 -22.35 -10.55 -12.03
CA THR E 69 -22.46 -9.62 -10.87
C THR E 69 -22.98 -10.37 -9.63
N THR E 70 -23.29 -11.66 -9.76
CA THR E 70 -23.85 -12.49 -8.66
C THR E 70 -22.71 -13.17 -7.91
N THR E 71 -22.63 -12.96 -6.59
CA THR E 71 -21.66 -13.63 -5.69
C THR E 71 -22.42 -14.54 -4.73
N THR E 72 -22.06 -15.83 -4.70
CA THR E 72 -22.71 -16.87 -3.84
C THR E 72 -21.68 -17.37 -2.81
N GLU E 73 -22.05 -17.32 -1.54
CA GLU E 73 -21.24 -17.87 -0.41
C GLU E 73 -21.53 -19.37 -0.31
N TRP E 74 -20.49 -20.18 -0.13
CA TRP E 74 -20.59 -21.65 0.09
C TRP E 74 -19.90 -22.00 1.42
N CYS E 75 -20.60 -22.69 2.31
CA CYS E 75 -20.16 -22.95 3.70
C CYS E 75 -19.73 -24.41 3.87
N TYR E 76 -18.56 -24.65 4.44
CA TYR E 76 -18.14 -25.97 4.97
C TYR E 76 -18.02 -25.89 6.48
N ASP E 77 -18.71 -26.78 7.21
CA ASP E 77 -18.80 -26.76 8.69
C ASP E 77 -18.75 -28.19 9.25
N GLY E 78 -18.10 -29.14 8.55
CA GLY E 78 -17.83 -30.49 9.07
C GLY E 78 -18.56 -31.59 8.32
N ASN E 79 -19.61 -31.27 7.57
CA ASN E 79 -20.38 -32.28 6.81
C ASN E 79 -20.96 -31.65 5.54
N GLY E 80 -20.17 -31.67 4.46
CA GLY E 80 -20.62 -31.23 3.13
C GLY E 80 -20.66 -29.72 3.01
N TRP E 81 -21.03 -29.25 1.81
CA TRP E 81 -21.06 -27.81 1.42
C TRP E 81 -22.51 -27.36 1.28
N THR E 82 -22.87 -26.21 1.86
CA THR E 82 -24.24 -25.61 1.83
C THR E 82 -24.16 -24.13 1.47
N LYS E 83 -25.24 -23.57 0.92
CA LYS E 83 -25.33 -22.12 0.58
C LYS E 83 -25.46 -21.32 1.87
N GLY E 84 -24.83 -20.13 1.90
CA GLY E 84 -24.79 -19.24 3.07
C GLY E 84 -25.63 -17.99 2.87
N ALA E 85 -25.81 -17.22 3.94
CA ALA E 85 -26.77 -16.09 4.00
C ALA E 85 -26.21 -14.82 3.34
N TYR E 86 -24.95 -14.82 2.88
CA TYR E 86 -24.28 -13.64 2.26
C TYR E 86 -25.13 -13.10 1.10
N THR E 87 -25.27 -11.77 1.07
CA THR E 87 -25.95 -10.99 0.01
C THR E 87 -25.04 -9.80 -0.32
N ALA E 88 -25.07 -9.32 -1.55
CA ALA E 88 -24.09 -8.42 -2.17
C ALA E 88 -24.44 -6.93 -1.92
N THR E 89 -23.72 -6.04 -2.61
CA THR E 89 -23.93 -4.56 -2.64
C THR E 89 -24.38 -4.06 -1.28
N SER F 2 -18.17 -7.38 -14.65
CA SER F 2 -18.10 -8.68 -13.90
C SER F 2 -17.19 -8.54 -12.67
N VAL F 3 -17.63 -9.01 -11.50
CA VAL F 3 -17.07 -8.58 -10.18
C VAL F 3 -15.87 -9.45 -9.79
N GLN F 4 -14.98 -8.89 -8.97
CA GLN F 4 -13.80 -9.58 -8.39
C GLN F 4 -13.80 -9.33 -6.87
N THR F 5 -13.61 -10.37 -6.06
CA THR F 5 -13.75 -10.31 -4.58
C THR F 5 -12.43 -10.65 -3.87
N ALA F 6 -12.34 -10.23 -2.62
CA ALA F 6 -11.27 -10.55 -1.65
C ALA F 6 -11.92 -10.68 -0.27
N ALA F 7 -11.38 -11.52 0.60
CA ALA F 7 -12.02 -11.85 1.90
C ALA F 7 -10.96 -12.05 2.99
N THR F 8 -11.33 -11.72 4.23
CA THR F 8 -10.53 -11.94 5.46
C THR F 8 -11.50 -12.22 6.60
N SER F 9 -11.00 -12.81 7.69
CA SER F 9 -11.80 -13.18 8.89
C SER F 9 -10.91 -13.13 10.14
N TRP F 10 -11.51 -13.12 11.32
CA TRP F 10 -10.76 -13.15 12.61
C TRP F 10 -11.68 -13.50 13.78
N GLY F 11 -11.10 -14.02 14.86
CA GLY F 11 -11.82 -14.52 16.04
C GLY F 11 -12.53 -15.83 15.73
N THR F 12 -13.42 -16.26 16.63
CA THR F 12 -14.18 -17.52 16.55
C THR F 12 -15.68 -17.24 16.47
N VAL F 13 -16.09 -15.97 16.44
CA VAL F 13 -17.52 -15.57 16.35
C VAL F 13 -18.13 -16.08 15.04
N PRO F 14 -17.54 -15.84 13.85
CA PRO F 14 -16.39 -14.95 13.66
C PRO F 14 -16.77 -13.57 13.15
N SER F 15 -15.77 -12.74 12.88
CA SER F 15 -15.91 -11.51 12.05
C SER F 15 -15.36 -11.80 10.66
N ILE F 16 -16.13 -11.49 9.62
CA ILE F 16 -15.75 -11.63 8.18
C ILE F 16 -15.88 -10.27 7.51
N ARG F 17 -15.02 -9.98 6.52
CA ARG F 17 -15.08 -8.78 5.67
C ARG F 17 -14.87 -9.21 4.21
N VAL F 18 -15.74 -8.76 3.29
CA VAL F 18 -15.70 -9.17 1.85
C VAL F 18 -15.70 -7.92 0.96
N TYR F 19 -14.63 -7.72 0.21
CA TYR F 19 -14.37 -6.52 -0.62
C TYR F 19 -14.64 -6.87 -2.09
N THR F 20 -15.50 -6.10 -2.74
CA THR F 20 -15.99 -6.38 -4.12
C THR F 20 -15.61 -5.23 -5.04
N ALA F 21 -14.87 -5.51 -6.11
CA ALA F 21 -14.47 -4.53 -7.15
C ALA F 21 -15.47 -4.61 -8.30
N ASN F 22 -16.29 -3.57 -8.46
CA ASN F 22 -17.42 -3.58 -9.42
C ASN F 22 -17.48 -2.22 -10.13
N ASN F 23 -17.25 -2.20 -11.44
CA ASN F 23 -17.37 -0.99 -12.29
C ASN F 23 -16.49 0.11 -11.69
N GLY F 24 -15.26 -0.22 -11.30
CA GLY F 24 -14.22 0.74 -10.88
C GLY F 24 -14.37 1.22 -9.44
N LYS F 25 -15.33 0.68 -8.68
CA LYS F 25 -15.56 1.09 -7.26
C LYS F 25 -15.49 -0.14 -6.35
N ILE F 26 -14.72 -0.07 -5.26
CA ILE F 26 -14.62 -1.17 -4.25
C ILE F 26 -15.50 -0.80 -3.06
N THR F 27 -16.32 -1.76 -2.61
CA THR F 27 -17.23 -1.62 -1.44
C THR F 27 -17.01 -2.82 -0.50
N GLU F 28 -17.47 -2.70 0.75
CA GLU F 28 -17.19 -3.65 1.86
C GLU F 28 -18.52 -4.18 2.43
N ARG F 29 -18.61 -5.50 2.66
CA ARG F 29 -19.75 -6.15 3.36
C ARG F 29 -19.22 -6.85 4.62
N CYS F 30 -19.93 -6.73 5.74
CA CYS F 30 -19.42 -7.07 7.10
C CYS F 30 -20.35 -8.05 7.80
N TYR F 31 -19.77 -8.96 8.58
CA TYR F 31 -20.49 -9.96 9.42
C TYR F 31 -19.80 -10.02 10.79
N ASP F 32 -20.55 -9.86 11.87
CA ASP F 32 -19.99 -9.87 13.26
C ASP F 32 -20.82 -10.79 14.16
N GLY F 33 -21.54 -11.75 13.58
CA GLY F 33 -22.25 -12.82 14.34
C GLY F 33 -23.75 -12.61 14.34
N LYS F 34 -24.24 -11.48 13.82
CA LYS F 34 -25.69 -11.21 13.60
C LYS F 34 -25.94 -11.24 12.08
N GLY F 35 -26.25 -10.09 11.48
CA GLY F 35 -26.55 -10.03 10.03
C GLY F 35 -25.36 -9.55 9.21
N TRP F 36 -25.49 -9.60 7.89
CA TRP F 36 -24.58 -8.93 6.93
C TRP F 36 -25.02 -7.46 6.76
N TYR F 37 -24.07 -6.52 6.84
CA TYR F 37 -24.31 -5.06 6.68
C TYR F 37 -23.21 -4.43 5.83
N THR F 38 -23.47 -3.23 5.31
CA THR F 38 -22.52 -2.46 4.47
C THR F 38 -21.56 -1.71 5.40
N GLY F 39 -20.25 -1.81 5.12
CA GLY F 39 -19.17 -1.21 5.94
C GLY F 39 -18.75 0.14 5.40
N ALA F 40 -17.88 0.83 6.14
CA ALA F 40 -17.46 2.23 5.89
C ALA F 40 -16.59 2.32 4.62
N PHE F 41 -15.82 1.27 4.31
CA PHE F 41 -14.82 1.30 3.21
C PHE F 41 -15.52 1.54 1.85
N ASN F 42 -15.07 2.60 1.16
CA ASN F 42 -15.54 2.96 -0.20
C ASN F 42 -14.42 3.73 -0.90
N GLU F 43 -13.72 3.10 -1.85
CA GLU F 43 -12.57 3.69 -2.60
C GLU F 43 -12.59 3.19 -4.05
N PRO F 44 -11.90 3.89 -4.98
CA PRO F 44 -11.81 3.46 -6.37
C PRO F 44 -10.86 2.26 -6.58
N GLY F 45 -11.21 1.33 -7.49
CA GLY F 45 -10.32 0.22 -7.89
C GLY F 45 -10.92 -0.75 -8.89
N ASP F 46 -10.08 -1.36 -9.73
CA ASP F 46 -10.45 -2.44 -10.69
C ASP F 46 -10.08 -3.82 -10.13
N ASN F 47 -9.17 -3.87 -9.16
CA ASN F 47 -8.64 -5.10 -8.53
C ASN F 47 -8.42 -4.86 -7.04
N VAL F 48 -8.68 -5.88 -6.20
CA VAL F 48 -8.53 -5.78 -4.72
C VAL F 48 -7.89 -7.07 -4.18
N SER F 49 -7.05 -6.91 -3.15
CA SER F 49 -6.61 -8.01 -2.23
C SER F 49 -6.67 -7.48 -0.81
N VAL F 50 -6.58 -8.35 0.20
CA VAL F 50 -6.72 -7.94 1.62
C VAL F 50 -5.97 -8.91 2.52
N THR F 51 -5.53 -8.42 3.68
CA THR F 51 -4.93 -9.22 4.78
C THR F 51 -5.23 -8.49 6.09
N SER F 52 -5.19 -9.21 7.20
CA SER F 52 -5.47 -8.63 8.54
C SER F 52 -4.72 -9.42 9.62
N TRP F 53 -4.54 -8.80 10.78
CA TRP F 53 -3.86 -9.41 11.96
C TRP F 53 -4.40 -8.75 13.24
N LEU F 54 -4.35 -9.51 14.34
CA LEU F 54 -4.79 -9.05 15.68
C LEU F 54 -3.57 -8.70 16.52
N VAL F 55 -3.67 -7.64 17.29
CA VAL F 55 -2.74 -7.23 18.39
C VAL F 55 -3.58 -7.30 19.67
N GLY F 56 -3.44 -8.38 20.44
CA GLY F 56 -4.45 -8.79 21.44
C GLY F 56 -5.80 -9.00 20.77
N SER F 57 -6.80 -8.18 21.12
CA SER F 57 -8.18 -8.25 20.57
C SER F 57 -8.46 -7.07 19.62
N ALA F 58 -7.45 -6.29 19.27
CA ALA F 58 -7.55 -5.13 18.33
C ALA F 58 -7.23 -5.59 16.91
N ILE F 59 -8.18 -5.47 15.99
CA ILE F 59 -7.99 -5.86 14.55
C ILE F 59 -7.30 -4.72 13.80
N HIS F 60 -6.43 -5.09 12.85
CA HIS F 60 -5.79 -4.18 11.85
C HIS F 60 -5.99 -4.80 10.46
N ILE F 61 -6.47 -4.02 9.49
CA ILE F 61 -6.77 -4.49 8.10
C ILE F 61 -5.95 -3.65 7.12
N ARG F 62 -5.45 -4.27 6.06
CA ARG F 62 -4.78 -3.59 4.92
C ARG F 62 -5.44 -4.07 3.61
N VAL F 63 -5.98 -3.14 2.82
CA VAL F 63 -6.66 -3.42 1.52
C VAL F 63 -5.81 -2.81 0.39
N TYR F 64 -5.52 -3.57 -0.66
CA TYR F 64 -4.65 -3.12 -1.79
C TYR F 64 -5.50 -2.93 -3.05
N ALA F 65 -5.91 -1.67 -3.27
CA ALA F 65 -6.78 -1.25 -4.40
C ALA F 65 -5.91 -0.80 -5.58
N SER F 66 -6.16 -1.35 -6.77
CA SER F 66 -5.31 -1.17 -7.97
C SER F 66 -6.16 -0.68 -9.15
N THR F 67 -5.79 0.46 -9.72
CA THR F 67 -6.40 1.06 -10.94
C THR F 67 -5.28 1.24 -11.98
N GLY F 68 -5.44 0.66 -13.17
CA GLY F 68 -4.37 0.56 -14.17
C GLY F 68 -3.15 -0.14 -13.58
N THR F 69 -2.06 0.59 -13.36
CA THR F 69 -0.79 0.04 -12.80
C THR F 69 -0.54 0.59 -11.38
N THR F 70 -1.40 1.47 -10.89
CA THR F 70 -1.25 2.17 -9.59
C THR F 70 -1.97 1.37 -8.52
N THR F 71 -1.25 0.97 -7.46
CA THR F 71 -1.79 0.25 -6.28
C THR F 71 -1.72 1.16 -5.06
N THR F 72 -2.85 1.36 -4.39
CA THR F 72 -2.96 2.20 -3.16
C THR F 72 -3.33 1.32 -1.97
N GLU F 73 -2.54 1.37 -0.90
CA GLU F 73 -2.80 0.68 0.39
C GLU F 73 -3.76 1.55 1.21
N TRP F 74 -4.76 0.93 1.83
CA TRP F 74 -5.73 1.61 2.73
C TRP F 74 -5.71 0.90 4.09
N CYS F 75 -5.51 1.65 5.17
CA CYS F 75 -5.24 1.11 6.54
C CYS F 75 -6.46 1.34 7.44
N TYR F 76 -6.92 0.29 8.14
CA TYR F 76 -7.87 0.36 9.28
C TYR F 76 -7.14 -0.07 10.54
N ASP F 77 -7.19 0.73 11.60
CA ASP F 77 -6.42 0.50 12.86
C ASP F 77 -7.24 0.84 14.10
N GLY F 78 -8.57 0.74 14.02
CA GLY F 78 -9.46 0.94 15.19
C GLY F 78 -10.35 2.16 15.08
N ASN F 79 -10.10 3.07 14.11
CA ASN F 79 -10.90 4.30 13.93
C ASN F 79 -10.66 4.85 12.52
N GLY F 80 -11.50 4.48 11.55
CA GLY F 80 -11.52 5.10 10.21
C GLY F 80 -10.42 4.55 9.31
N TRP F 81 -10.47 4.90 8.03
CA TRP F 81 -9.55 4.40 6.96
C TRP F 81 -8.60 5.53 6.52
N THR F 82 -7.30 5.25 6.44
CA THR F 82 -6.24 6.21 6.03
C THR F 82 -5.33 5.58 4.96
N LYS F 83 -4.66 6.41 4.14
CA LYS F 83 -3.68 5.94 3.13
C LYS F 83 -2.41 5.46 3.84
N GLY F 84 -1.79 4.41 3.30
CA GLY F 84 -0.57 3.79 3.85
C GLY F 84 0.64 4.07 2.95
N ALA F 85 1.83 3.73 3.42
CA ALA F 85 3.12 4.11 2.78
C ALA F 85 3.45 3.21 1.58
N TYR F 86 2.69 2.15 1.32
CA TYR F 86 3.00 1.15 0.26
C TYR F 86 3.18 1.84 -1.11
N THR F 87 4.24 1.45 -1.83
CA THR F 87 4.50 1.80 -3.25
C THR F 87 4.96 0.52 -3.93
N ALA F 88 4.60 0.29 -5.19
CA ALA F 88 5.28 -0.69 -6.06
C ALA F 88 6.51 0.03 -6.63
N THR F 89 7.71 -0.57 -6.58
CA THR F 89 9.00 0.08 -6.91
C THR F 89 9.03 1.45 -6.21
N SER G 2 -22.17 27.31 -15.32
CA SER G 2 -23.18 27.98 -14.45
C SER G 2 -23.23 27.30 -13.08
N VAL G 3 -23.19 28.07 -11.99
CA VAL G 3 -22.85 27.58 -10.62
C VAL G 3 -24.11 27.08 -9.92
N GLN G 4 -23.94 26.17 -8.95
CA GLN G 4 -25.00 25.62 -8.07
C GLN G 4 -24.55 25.77 -6.61
N THR G 5 -25.45 26.24 -5.73
CA THR G 5 -25.12 26.56 -4.31
C THR G 5 -25.92 25.70 -3.33
N ALA G 6 -25.43 25.63 -2.09
CA ALA G 6 -26.11 25.08 -0.90
C ALA G 6 -25.70 25.92 0.31
N ALA G 7 -26.57 26.03 1.33
CA ALA G 7 -26.35 26.95 2.46
C ALA G 7 -26.88 26.34 3.77
N THR G 8 -26.23 26.69 4.88
CA THR G 8 -26.65 26.34 6.26
C THR G 8 -26.23 27.49 7.19
N SER G 9 -26.81 27.56 8.39
CA SER G 9 -26.58 28.62 9.40
C SER G 9 -26.79 28.06 10.80
N TRP G 10 -26.32 28.76 11.83
CA TRP G 10 -26.52 28.37 13.24
C TRP G 10 -26.20 29.54 14.18
N GLY G 11 -26.76 29.48 15.40
CA GLY G 11 -26.63 30.52 16.43
C GLY G 11 -27.43 31.75 16.06
N THR G 12 -27.18 32.85 16.77
CA THR G 12 -27.90 34.14 16.63
C THR G 12 -26.95 35.25 16.17
N VAL G 13 -25.68 34.94 15.95
CA VAL G 13 -24.66 35.94 15.51
C VAL G 13 -25.04 36.49 14.13
N PRO G 14 -25.32 35.67 13.09
CA PRO G 14 -25.15 34.22 13.12
C PRO G 14 -23.85 33.76 12.44
N SER G 15 -23.66 32.43 12.36
CA SER G 15 -22.67 31.80 11.49
C SER G 15 -23.40 31.23 10.26
N ILE G 16 -22.89 31.54 9.06
CA ILE G 16 -23.42 31.04 7.76
C ILE G 16 -22.28 30.35 7.01
N ARG G 17 -22.62 29.32 6.22
CA ARG G 17 -21.67 28.60 5.33
C ARG G 17 -22.35 28.39 3.98
N VAL G 18 -21.68 28.73 2.87
CA VAL G 18 -22.25 28.68 1.49
C VAL G 18 -21.30 27.90 0.57
N TYR G 19 -21.76 26.77 0.05
CA TYR G 19 -20.98 25.81 -0.76
C TYR G 19 -21.36 26.01 -2.23
N THR G 20 -20.37 26.24 -3.09
CA THR G 20 -20.57 26.56 -4.53
C THR G 20 -19.89 25.49 -5.39
N ALA G 21 -20.66 24.81 -6.25
CA ALA G 21 -20.16 23.82 -7.23
C ALA G 21 -19.91 24.52 -8.57
N ASN G 22 -18.64 24.66 -8.96
CA ASN G 22 -18.23 25.44 -10.16
C ASN G 22 -17.15 24.66 -10.93
N ASN G 23 -17.47 24.24 -12.14
CA ASN G 23 -16.54 23.56 -13.07
C ASN G 23 -15.90 22.35 -12.34
N GLY G 24 -16.72 21.56 -11.65
CA GLY G 24 -16.31 20.27 -11.05
C GLY G 24 -15.62 20.41 -9.70
N LYS G 25 -15.49 21.62 -9.16
CA LYS G 25 -14.82 21.86 -7.85
C LYS G 25 -15.78 22.58 -6.90
N ILE G 26 -15.94 22.08 -5.67
CA ILE G 26 -16.76 22.73 -4.60
C ILE G 26 -15.84 23.49 -3.65
N THR G 27 -16.19 24.74 -3.36
CA THR G 27 -15.46 25.63 -2.40
C THR G 27 -16.47 26.18 -1.38
N GLU G 28 -15.96 26.71 -0.26
CA GLU G 28 -16.76 27.14 0.92
C GLU G 28 -16.47 28.63 1.21
N ARG G 29 -17.53 29.41 1.46
CA ARG G 29 -17.43 30.82 1.92
C ARG G 29 -18.12 30.92 3.30
N CYS G 30 -17.50 31.64 4.24
CA CYS G 30 -17.84 31.61 5.68
C CYS G 30 -18.14 33.03 6.19
N TYR G 31 -19.09 33.13 7.12
CA TYR G 31 -19.47 34.38 7.81
C TYR G 31 -19.67 34.08 9.29
N ASP G 32 -18.99 34.81 10.18
CA ASP G 32 -19.06 34.58 11.65
C ASP G 32 -19.31 35.89 12.41
N GLY G 33 -19.87 36.89 11.72
CA GLY G 33 -20.25 38.18 12.32
C GLY G 33 -19.29 39.30 11.92
N LYS G 34 -18.23 38.96 11.18
CA LYS G 34 -17.10 39.86 10.83
C LYS G 34 -17.16 40.04 9.31
N GLY G 35 -16.19 39.53 8.56
CA GLY G 35 -16.24 39.53 7.08
C GLY G 35 -16.71 38.21 6.52
N TRP G 36 -16.90 38.14 5.20
CA TRP G 36 -16.92 36.87 4.43
C TRP G 36 -15.48 36.46 4.11
N TYR G 37 -15.12 35.20 4.36
CA TYR G 37 -13.76 34.63 4.11
C TYR G 37 -13.89 33.24 3.49
N THR G 38 -12.80 32.77 2.88
CA THR G 38 -12.72 31.42 2.25
C THR G 38 -12.43 30.40 3.35
N GLY G 39 -13.19 29.29 3.37
CA GLY G 39 -13.09 28.23 4.38
C GLY G 39 -12.20 27.09 3.91
N ALA G 40 -11.94 26.14 4.81
CA ALA G 40 -11.00 25.00 4.62
C ALA G 40 -11.52 24.02 3.54
N PHE G 41 -12.84 23.88 3.41
CA PHE G 41 -13.48 22.85 2.55
C PHE G 41 -13.10 23.09 1.08
N ASN G 42 -12.54 22.07 0.45
CA ASN G 42 -12.17 22.08 -0.99
C ASN G 42 -12.14 20.63 -1.49
N GLU G 43 -13.15 20.22 -2.25
CA GLU G 43 -13.34 18.82 -2.74
C GLU G 43 -13.96 18.83 -4.14
N PRO G 44 -13.84 17.73 -4.92
CA PRO G 44 -14.46 17.65 -6.24
C PRO G 44 -15.98 17.41 -6.18
N GLY G 45 -16.75 18.02 -7.10
CA GLY G 45 -18.20 17.77 -7.23
C GLY G 45 -18.90 18.60 -8.31
N ASP G 46 -19.98 18.07 -8.87
CA ASP G 46 -20.87 18.76 -9.85
C ASP G 46 -22.13 19.28 -9.09
N ASN G 47 -22.46 18.68 -7.94
CA ASN G 47 -23.67 18.99 -7.16
C ASN G 47 -23.33 18.92 -5.66
N VAL G 48 -23.94 19.77 -4.85
CA VAL G 48 -23.73 19.81 -3.38
C VAL G 48 -25.07 20.01 -2.66
N SER G 49 -25.22 19.40 -1.49
CA SER G 49 -26.24 19.74 -0.46
C SER G 49 -25.56 19.74 0.90
N VAL G 50 -26.21 20.29 1.92
CA VAL G 50 -25.58 20.47 3.26
C VAL G 50 -26.65 20.53 4.34
N THR G 51 -26.29 20.12 5.55
CA THR G 51 -27.11 20.23 6.79
C THR G 51 -26.14 20.27 7.97
N SER G 52 -26.58 20.77 9.12
CA SER G 52 -25.74 20.95 10.32
C SER G 52 -26.62 20.92 11.58
N TRP G 53 -26.00 20.67 12.73
CA TRP G 53 -26.67 20.62 14.06
C TRP G 53 -25.66 20.96 15.15
N LEU G 54 -26.16 21.50 16.26
CA LEU G 54 -25.35 21.86 17.45
C LEU G 54 -25.55 20.79 18.53
N VAL G 55 -24.46 20.45 19.22
CA VAL G 55 -24.47 19.71 20.50
C VAL G 55 -23.87 20.67 21.54
N GLY G 56 -24.72 21.28 22.37
CA GLY G 56 -24.33 22.45 23.17
C GLY G 56 -23.96 23.59 22.24
N SER G 57 -22.71 24.04 22.28
CA SER G 57 -22.20 25.15 21.44
C SER G 57 -21.24 24.62 20.36
N ALA G 58 -21.13 23.30 20.21
CA ALA G 58 -20.23 22.64 19.23
C ALA G 58 -21.01 22.35 17.94
N ILE G 59 -20.58 22.93 16.81
CA ILE G 59 -21.22 22.73 15.49
C ILE G 59 -20.70 21.42 14.86
N HIS G 60 -21.58 20.72 14.15
CA HIS G 60 -21.28 19.55 13.28
C HIS G 60 -21.92 19.80 11.91
N ILE G 61 -21.16 19.65 10.82
CA ILE G 61 -21.64 19.89 9.43
C ILE G 61 -21.44 18.61 8.61
N ARG G 62 -22.39 18.31 7.71
CA ARG G 62 -22.29 17.19 6.73
C ARG G 62 -22.58 17.75 5.33
N VAL G 63 -21.63 17.60 4.40
CA VAL G 63 -21.74 18.09 2.99
C VAL G 63 -21.77 16.87 2.07
N TYR G 64 -22.71 16.82 1.12
CA TYR G 64 -22.91 15.68 0.20
C TYR G 64 -22.51 16.10 -1.22
N ALA G 65 -21.27 15.78 -1.59
CA ALA G 65 -20.63 16.11 -2.89
C ALA G 65 -20.86 14.96 -3.87
N SER G 66 -21.38 15.25 -5.06
CA SER G 66 -21.82 14.24 -6.06
C SER G 66 -21.18 14.53 -7.41
N THR G 67 -20.46 13.54 -7.96
CA THR G 67 -19.89 13.54 -9.33
C THR G 67 -20.48 12.36 -10.10
N GLY G 68 -21.14 12.63 -11.22
CA GLY G 68 -21.97 11.63 -11.92
C GLY G 68 -23.03 11.05 -11.00
N THR G 69 -22.89 9.78 -10.61
CA THR G 69 -23.85 9.06 -9.73
C THR G 69 -23.20 8.75 -8.38
N THR G 70 -21.93 9.12 -8.18
CA THR G 70 -21.18 8.85 -6.92
C THR G 70 -21.33 10.05 -5.99
N THR G 71 -21.84 9.81 -4.77
CA THR G 71 -22.05 10.82 -3.72
C THR G 71 -21.14 10.51 -2.54
N THR G 72 -20.32 11.46 -2.12
CA THR G 72 -19.36 11.33 -0.98
C THR G 72 -19.75 12.29 0.14
N GLU G 73 -19.93 11.78 1.36
CA GLU G 73 -20.19 12.58 2.58
C GLU G 73 -18.86 13.09 3.13
N TRP G 74 -18.81 14.36 3.53
CA TRP G 74 -17.63 15.01 4.17
C TRP G 74 -18.06 15.57 5.52
N CYS G 75 -17.36 15.22 6.61
CA CYS G 75 -17.75 15.53 8.01
C CYS G 75 -16.84 16.61 8.59
N TYR G 76 -17.43 17.65 9.20
CA TYR G 76 -16.73 18.62 10.09
C TYR G 76 -17.28 18.44 11.51
N ASP G 77 -16.39 18.27 12.49
CA ASP G 77 -16.76 17.95 13.91
C ASP G 77 -15.85 18.70 14.89
N GLY G 78 -15.41 19.91 14.53
CA GLY G 78 -14.71 20.82 15.46
C GLY G 78 -13.25 21.07 15.11
N ASN G 79 -12.66 20.29 14.19
CA ASN G 79 -11.27 20.44 13.72
C ASN G 79 -11.10 19.64 12.42
N GLY G 80 -11.24 20.29 11.26
CA GLY G 80 -10.87 19.72 9.96
C GLY G 80 -11.91 18.76 9.41
N TRP G 81 -11.77 18.36 8.15
CA TRP G 81 -12.78 17.64 7.34
C TRP G 81 -12.31 16.21 7.08
N THR G 82 -13.19 15.21 7.27
CA THR G 82 -12.92 13.76 7.07
C THR G 82 -14.05 13.13 6.25
N LYS G 83 -13.78 12.00 5.59
CA LYS G 83 -14.80 11.21 4.85
C LYS G 83 -15.71 10.50 5.85
N GLY G 84 -17.00 10.40 5.52
CA GLY G 84 -18.06 9.75 6.34
C GLY G 84 -18.51 8.46 5.70
N ALA G 85 -19.33 7.68 6.42
CA ALA G 85 -19.71 6.29 6.07
C ALA G 85 -20.85 6.25 5.03
N TYR G 86 -21.39 7.41 4.61
CA TYR G 86 -22.59 7.48 3.73
C TYR G 86 -22.42 6.65 2.46
N THR G 87 -23.48 5.92 2.10
CA THR G 87 -23.55 5.09 0.85
C THR G 87 -24.95 5.27 0.26
N ALA G 88 -25.05 5.48 -1.05
CA ALA G 88 -26.34 5.68 -1.75
C ALA G 88 -26.74 4.33 -2.38
N THR G 89 -27.94 4.23 -2.96
CA THR G 89 -28.38 3.07 -3.78
C THR G 89 -28.11 1.78 -3.00
N SER H 2 -26.95 12.27 -13.85
CA SER H 2 -26.09 13.04 -12.87
C SER H 2 -26.97 13.60 -11.74
N VAL H 3 -26.65 13.30 -10.47
CA VAL H 3 -27.62 13.36 -9.34
C VAL H 3 -27.64 14.76 -8.73
N GLN H 4 -28.78 15.12 -8.12
CA GLN H 4 -29.01 16.39 -7.38
C GLN H 4 -29.58 16.04 -6.00
N THR H 5 -29.04 16.63 -4.93
CA THR H 5 -29.34 16.20 -3.53
C THR H 5 -29.94 17.35 -2.71
N ALA H 6 -30.60 17.00 -1.61
CA ALA H 6 -31.14 17.90 -0.57
C ALA H 6 -31.04 17.18 0.78
N ALA H 7 -30.85 17.91 1.88
CA ALA H 7 -30.54 17.30 3.20
C ALA H 7 -31.20 18.10 4.33
N THR H 8 -31.56 17.39 5.40
CA THR H 8 -32.09 17.95 6.66
C THR H 8 -31.60 17.06 7.82
N SER H 9 -31.68 17.57 9.06
CA SER H 9 -31.20 16.87 10.29
C SER H 9 -32.03 17.36 11.48
N TRP H 10 -31.98 16.64 12.61
CA TRP H 10 -32.66 17.05 13.87
C TRP H 10 -32.15 16.23 15.06
N GLY H 11 -32.31 16.78 16.25
CA GLY H 11 -31.87 16.16 17.53
C GLY H 11 -30.37 16.22 17.66
N THR H 12 -29.81 15.47 18.61
CA THR H 12 -28.37 15.51 18.98
C THR H 12 -27.70 14.16 18.70
N VAL H 13 -28.46 13.17 18.21
CA VAL H 13 -27.93 11.81 17.94
C VAL H 13 -26.87 11.87 16.84
N PRO H 14 -27.11 12.48 15.65
CA PRO H 14 -28.41 13.02 15.24
C PRO H 14 -29.17 12.09 14.30
N SER H 15 -30.34 12.56 13.84
CA SER H 15 -31.06 11.97 12.68
C SER H 15 -30.80 12.85 11.46
N ILE H 16 -30.40 12.23 10.35
CA ILE H 16 -30.16 12.91 9.03
C ILE H 16 -31.01 12.22 7.97
N ARG H 17 -31.47 12.98 6.97
CA ARG H 17 -32.23 12.49 5.80
C ARG H 17 -31.67 13.15 4.55
N VAL H 18 -31.35 12.36 3.50
CA VAL H 18 -30.69 12.86 2.25
C VAL H 18 -31.49 12.38 1.03
N TYR H 19 -32.06 13.32 0.28
CA TYR H 19 -32.98 13.07 -0.86
C TYR H 19 -32.20 13.27 -2.16
N THR H 20 -32.21 12.27 -3.04
CA THR H 20 -31.40 12.23 -4.29
C THR H 20 -32.32 12.11 -5.50
N ALA H 21 -32.24 13.06 -6.42
CA ALA H 21 -33.01 13.09 -7.70
C ALA H 21 -32.13 12.48 -8.80
N ASN H 22 -32.51 11.29 -9.28
CA ASN H 22 -31.72 10.51 -10.26
C ASN H 22 -32.64 9.92 -11.33
N ASN H 23 -32.48 10.37 -12.58
CA ASN H 23 -33.21 9.83 -13.75
C ASN H 23 -34.71 9.89 -13.47
N GLY H 24 -35.18 11.03 -12.96
CA GLY H 24 -36.62 11.33 -12.78
C GLY H 24 -37.25 10.72 -11.55
N LYS H 25 -36.48 10.04 -10.69
CA LYS H 25 -36.99 9.41 -9.45
C LYS H 25 -36.22 9.94 -8.24
N ILE H 26 -36.92 10.38 -7.20
CA ILE H 26 -36.32 10.81 -5.90
C ILE H 26 -36.42 9.68 -4.88
N THR H 27 -35.31 9.38 -4.21
CA THR H 27 -35.19 8.32 -3.17
C THR H 27 -34.55 8.93 -1.91
N GLU H 28 -34.68 8.26 -0.77
CA GLU H 28 -34.32 8.78 0.58
C GLU H 28 -33.32 7.83 1.25
N ARG H 29 -32.25 8.38 1.84
CA ARG H 29 -31.26 7.64 2.67
C ARG H 29 -31.28 8.21 4.09
N CYS H 30 -31.27 7.35 5.10
CA CYS H 30 -31.57 7.70 6.51
C CYS H 30 -30.43 7.28 7.43
N TYR H 31 -30.20 8.09 8.46
CA TYR H 31 -29.19 7.82 9.53
C TYR H 31 -29.81 8.20 10.87
N ASP H 32 -29.85 7.26 11.82
CA ASP H 32 -30.46 7.47 13.16
C ASP H 32 -29.49 7.05 14.28
N GLY H 33 -28.19 7.01 13.99
CA GLY H 33 -27.14 6.74 14.99
C GLY H 33 -26.53 5.36 14.84
N LYS H 34 -27.03 4.56 13.88
CA LYS H 34 -26.50 3.19 13.61
C LYS H 34 -25.83 3.18 12.23
N GLY H 35 -26.44 2.53 11.24
CA GLY H 35 -25.96 2.57 9.85
C GLY H 35 -26.80 3.51 9.00
N TRP H 36 -26.40 3.68 7.75
CA TRP H 36 -27.24 4.30 6.68
C TRP H 36 -28.16 3.23 6.08
N TYR H 37 -29.46 3.54 5.93
CA TYR H 37 -30.48 2.64 5.36
C TYR H 37 -31.40 3.40 4.40
N THR H 38 -32.13 2.67 3.55
CA THR H 38 -33.07 3.25 2.56
C THR H 38 -34.41 3.51 3.27
N GLY H 39 -34.96 4.71 3.07
CA GLY H 39 -36.22 5.17 3.71
C GLY H 39 -37.42 4.93 2.82
N ALA H 40 -38.61 5.20 3.37
CA ALA H 40 -39.94 4.93 2.74
C ALA H 40 -40.16 5.81 1.51
N PHE H 41 -39.62 7.03 1.49
CA PHE H 41 -39.90 8.06 0.46
C PHE H 41 -39.42 7.55 -0.90
N ASN H 42 -40.32 7.51 -1.88
CA ASN H 42 -40.05 7.14 -3.29
C ASN H 42 -41.12 7.81 -4.17
N GLU H 43 -40.78 8.91 -4.85
CA GLU H 43 -41.72 9.71 -5.67
C GLU H 43 -41.00 10.27 -6.91
N PRO H 44 -41.74 10.66 -7.97
CA PRO H 44 -41.11 11.20 -9.18
C PRO H 44 -40.63 12.65 -9.02
N GLY H 45 -39.48 13.00 -9.63
CA GLY H 45 -38.96 14.39 -9.66
C GLY H 45 -37.61 14.53 -10.37
N ASP H 46 -37.35 15.73 -10.93
CA ASP H 46 -36.02 16.13 -11.48
C ASP H 46 -35.25 17.00 -10.50
N ASN H 47 -35.97 17.63 -9.56
CA ASN H 47 -35.39 18.59 -8.58
C ASN H 47 -36.08 18.39 -7.23
N VAL H 48 -35.31 18.54 -6.15
CA VAL H 48 -35.81 18.35 -4.76
C VAL H 48 -35.24 19.45 -3.85
N SER H 49 -36.05 19.89 -2.89
CA SER H 49 -35.61 20.66 -1.70
C SER H 49 -36.37 20.11 -0.49
N VAL H 50 -35.97 20.48 0.73
CA VAL H 50 -36.52 19.88 1.97
C VAL H 50 -36.34 20.85 3.14
N THR H 51 -37.23 20.75 4.13
CA THR H 51 -37.14 21.43 5.44
C THR H 51 -37.91 20.57 6.45
N SER H 52 -37.62 20.73 7.74
CA SER H 52 -38.25 19.94 8.83
C SER H 52 -38.27 20.74 10.14
N TRP H 53 -39.12 20.35 11.08
CA TRP H 53 -39.27 20.97 12.41
C TRP H 53 -39.79 19.93 13.41
N LEU H 54 -39.47 20.12 14.68
CA LEU H 54 -39.91 19.25 15.81
C LEU H 54 -41.06 19.96 16.54
N VAL H 55 -42.07 19.19 16.95
CA VAL H 55 -43.03 19.58 18.02
C VAL H 55 -42.80 18.60 19.17
N GLY H 56 -42.12 19.05 20.23
CA GLY H 56 -41.58 18.15 21.26
C GLY H 56 -40.55 17.23 20.65
N SER H 57 -40.81 15.92 20.65
CA SER H 57 -39.89 14.90 20.08
C SER H 57 -40.46 14.32 18.78
N ALA H 58 -41.55 14.88 18.25
CA ALA H 58 -42.23 14.42 17.01
C ALA H 58 -41.70 15.22 15.81
N ILE H 59 -41.06 14.55 14.85
CA ILE H 59 -40.50 15.20 13.63
C ILE H 59 -41.61 15.35 12.60
N HIS H 60 -41.56 16.46 11.84
CA HIS H 60 -42.40 16.75 10.65
C HIS H 60 -41.48 17.18 9.51
N ILE H 61 -41.61 16.55 8.33
CA ILE H 61 -40.74 16.83 7.13
C ILE H 61 -41.64 17.26 5.97
N ARG H 62 -41.17 18.21 5.16
CA ARG H 62 -41.83 18.63 3.90
C ARG H 62 -40.80 18.58 2.76
N VAL H 63 -41.07 17.78 1.73
CA VAL H 63 -40.18 17.61 0.53
C VAL H 63 -40.89 18.21 -0.68
N TYR H 64 -40.19 19.04 -1.46
CA TYR H 64 -40.77 19.73 -2.65
C TYR H 64 -40.16 19.13 -3.93
N ALA H 65 -40.89 18.19 -4.53
CA ALA H 65 -40.50 17.44 -5.75
C ALA H 65 -41.06 18.15 -6.99
N SER H 66 -40.21 18.44 -7.97
CA SER H 66 -40.54 19.30 -9.14
C SER H 66 -40.17 18.57 -10.44
N THR H 67 -41.15 18.42 -11.34
CA THR H 67 -40.98 17.91 -12.72
C THR H 67 -41.53 18.97 -13.67
N GLY H 68 -40.73 19.45 -14.61
CA GLY H 68 -41.14 20.54 -15.52
C GLY H 68 -41.54 21.78 -14.74
N THR H 69 -42.84 22.12 -14.73
CA THR H 69 -43.38 23.32 -14.04
C THR H 69 -44.25 22.90 -12.85
N THR H 70 -44.42 21.59 -12.62
CA THR H 70 -45.23 21.05 -11.50
C THR H 70 -44.32 20.83 -10.28
N THR H 71 -44.63 21.46 -9.15
CA THR H 71 -44.00 21.19 -7.84
C THR H 71 -45.04 20.56 -6.92
N THR H 72 -44.76 19.39 -6.37
CA THR H 72 -45.65 18.64 -5.46
C THR H 72 -45.01 18.56 -4.07
N GLU H 73 -45.74 19.01 -3.04
CA GLU H 73 -45.35 18.91 -1.61
C GLU H 73 -45.71 17.50 -1.13
N TRP H 74 -44.80 16.85 -0.40
CA TRP H 74 -45.00 15.53 0.25
C TRP H 74 -44.76 15.68 1.75
N CYS H 75 -45.72 15.26 2.58
CA CYS H 75 -45.73 15.49 4.05
C CYS H 75 -45.42 14.17 4.79
N TYR H 76 -44.48 14.21 5.74
CA TYR H 76 -44.28 13.15 6.75
C TYR H 76 -44.62 13.74 8.13
N ASP H 77 -45.48 13.07 8.90
CA ASP H 77 -46.02 13.57 10.20
C ASP H 77 -46.18 12.41 11.19
N GLY H 78 -45.32 11.39 11.11
CA GLY H 78 -45.24 10.31 12.11
C GLY H 78 -45.64 8.94 11.58
N ASN H 79 -46.26 8.86 10.40
CA ASN H 79 -46.69 7.56 9.82
C ASN H 79 -46.99 7.75 8.32
N GLY H 80 -46.01 7.46 7.45
CA GLY H 80 -46.21 7.43 6.00
C GLY H 80 -46.21 8.81 5.39
N TRP H 81 -46.17 8.87 4.05
CA TRP H 81 -46.04 10.11 3.25
C TRP H 81 -47.34 10.40 2.52
N THR H 82 -47.83 11.65 2.60
CA THR H 82 -49.12 12.10 1.99
C THR H 82 -48.90 13.41 1.24
N LYS H 83 -49.73 13.68 0.24
CA LYS H 83 -49.70 14.93 -0.58
C LYS H 83 -50.21 16.09 0.28
N GLY H 84 -49.57 17.27 0.12
CA GLY H 84 -49.87 18.49 0.88
C GLY H 84 -50.59 19.54 0.05
N ALA H 85 -51.03 20.63 0.68
CA ALA H 85 -51.91 21.66 0.09
C ALA H 85 -51.12 22.65 -0.80
N TYR H 86 -49.79 22.57 -0.84
CA TYR H 86 -48.92 23.55 -1.56
C TYR H 86 -49.34 23.66 -3.03
N THR H 87 -49.42 24.89 -3.53
CA THR H 87 -49.62 25.25 -4.97
C THR H 87 -48.65 26.36 -5.30
N ALA H 88 -48.11 26.37 -6.53
CA ALA H 88 -47.15 27.39 -7.01
C ALA H 88 -47.97 28.42 -7.78
N THR H 89 -47.86 29.70 -7.41
CA THR H 89 -48.62 30.85 -8.00
C THR H 89 -50.07 30.42 -8.32
N SER I 2 -37.13 21.62 -16.16
CA SER I 2 -37.65 21.62 -14.79
C SER I 2 -37.33 22.94 -14.07
N VAL I 3 -38.16 23.25 -13.09
CA VAL I 3 -37.95 24.34 -12.08
C VAL I 3 -37.05 23.82 -10.96
N GLN I 4 -36.37 24.75 -10.28
CA GLN I 4 -35.48 24.51 -9.10
C GLN I 4 -36.10 25.16 -7.83
N THR I 5 -36.22 24.42 -6.73
CA THR I 5 -36.82 24.92 -5.47
C THR I 5 -35.80 24.95 -4.33
N ALA I 6 -36.10 25.76 -3.32
CA ALA I 6 -35.42 25.80 -2.00
C ALA I 6 -36.46 26.12 -0.94
N ALA I 7 -36.28 25.61 0.28
CA ALA I 7 -37.29 25.70 1.36
C ALA I 7 -36.62 25.90 2.72
N THR I 8 -37.31 26.63 3.60
CA THR I 8 -36.92 26.86 5.01
C THR I 8 -38.20 26.97 5.83
N SER I 9 -38.09 26.80 7.16
CA SER I 9 -39.23 26.79 8.11
C SER I 9 -38.74 27.32 9.47
N TRP I 10 -39.66 27.70 10.35
CA TRP I 10 -39.34 28.17 11.72
C TRP I 10 -40.58 28.17 12.61
N GLY I 11 -40.37 28.10 13.92
CA GLY I 11 -41.45 28.00 14.93
C GLY I 11 -42.11 26.64 14.91
N THR I 12 -43.26 26.51 15.57
CA THR I 12 -44.00 25.23 15.75
C THR I 12 -45.38 25.31 15.08
N VAL I 13 -45.72 26.45 14.47
CA VAL I 13 -47.04 26.65 13.81
C VAL I 13 -47.21 25.68 12.64
N PRO I 14 -46.25 25.57 11.68
CA PRO I 14 -45.08 26.44 11.56
C PRO I 14 -45.25 27.55 10.52
N SER I 15 -44.18 28.31 10.30
CA SER I 15 -44.02 29.20 9.12
C SER I 15 -43.07 28.51 8.13
N ILE I 16 -43.48 28.42 6.86
CA ILE I 16 -42.69 27.83 5.75
C ILE I 16 -42.54 28.89 4.64
N ARG I 17 -41.40 28.86 3.94
CA ARG I 17 -41.10 29.71 2.76
C ARG I 17 -40.52 28.82 1.66
N VAL I 18 -41.03 28.91 0.44
CA VAL I 18 -40.61 28.04 -0.71
C VAL I 18 -40.28 28.92 -1.91
N TYR I 19 -39.02 28.91 -2.34
CA TYR I 19 -38.48 29.77 -3.42
C TYR I 19 -38.34 28.91 -4.69
N THR I 20 -38.95 29.37 -5.79
CA THR I 20 -38.99 28.63 -7.07
C THR I 20 -38.31 29.45 -8.15
N ALA I 21 -37.26 28.89 -8.78
CA ALA I 21 -36.56 29.45 -9.95
C ALA I 21 -37.19 28.91 -11.24
N ASN I 22 -37.87 29.79 -11.98
CA ASN I 22 -38.70 29.42 -13.16
C ASN I 22 -38.46 30.45 -14.27
N ASN I 23 -37.85 30.01 -15.37
CA ASN I 23 -37.60 30.83 -16.58
C ASN I 23 -36.86 32.12 -16.16
N GLY I 24 -35.84 31.99 -15.32
CA GLY I 24 -34.89 33.06 -14.96
C GLY I 24 -35.41 34.00 -13.88
N LYS I 25 -36.59 33.73 -13.31
CA LYS I 25 -37.20 34.59 -12.26
C LYS I 25 -37.48 33.74 -11.02
N ILE I 26 -37.06 34.20 -9.84
CA ILE I 26 -37.33 33.52 -8.54
C ILE I 26 -38.50 34.24 -7.84
N THR I 27 -39.48 33.47 -7.38
CA THR I 27 -40.68 33.95 -6.66
C THR I 27 -40.84 33.16 -5.36
N GLU I 28 -41.65 33.67 -4.43
CA GLU I 28 -41.77 33.16 -3.03
C GLU I 28 -43.23 32.78 -2.74
N ARG I 29 -43.46 31.61 -2.12
CA ARG I 29 -44.78 31.16 -1.60
C ARG I 29 -44.67 30.97 -0.09
N CYS I 30 -45.68 31.42 0.66
CA CYS I 30 -45.63 31.59 2.13
C CYS I 30 -46.77 30.84 2.81
N TYR I 31 -46.51 30.27 3.99
CA TYR I 31 -47.49 29.57 4.84
C TYR I 31 -47.25 29.96 6.30
N ASP I 32 -48.28 30.45 6.99
CA ASP I 32 -48.16 30.91 8.40
C ASP I 32 -49.26 30.28 9.28
N GLY I 33 -49.83 29.15 8.85
CA GLY I 33 -50.80 28.37 9.64
C GLY I 33 -52.22 28.51 9.11
N LYS I 34 -52.44 29.37 8.13
CA LYS I 34 -53.73 29.53 7.41
C LYS I 34 -53.54 28.98 5.98
N GLY I 35 -53.58 29.84 4.96
CA GLY I 35 -53.45 29.41 3.56
C GLY I 35 -52.05 29.64 3.03
N TRP I 36 -51.78 29.16 1.82
CA TRP I 36 -50.58 29.51 1.02
C TRP I 36 -50.86 30.82 0.25
N TYR I 37 -49.93 31.78 0.31
CA TYR I 37 -50.03 33.09 -0.39
C TYR I 37 -48.69 33.47 -1.03
N THR I 38 -48.72 34.41 -1.97
CA THR I 38 -47.52 34.91 -2.69
C THR I 38 -46.84 35.97 -1.81
N GLY I 39 -45.52 35.85 -1.64
CA GLY I 39 -44.70 36.75 -0.79
C GLY I 39 -44.07 37.87 -1.60
N ALA I 40 -43.40 38.79 -0.89
CA ALA I 40 -42.79 40.03 -1.44
C ALA I 40 -41.62 39.72 -2.38
N PHE I 41 -40.89 38.62 -2.15
CA PHE I 41 -39.62 38.30 -2.85
C PHE I 41 -39.87 38.11 -4.35
N ASN I 42 -39.17 38.88 -5.17
CA ASN I 42 -39.18 38.76 -6.65
C ASN I 42 -37.82 39.28 -7.18
N GLU I 43 -36.93 38.38 -7.61
CA GLU I 43 -35.57 38.72 -8.12
C GLU I 43 -35.17 37.77 -9.25
N PRO I 44 -34.18 38.13 -10.09
CA PRO I 44 -33.70 37.25 -11.16
C PRO I 44 -32.81 36.11 -10.65
N GLY I 45 -32.92 34.90 -11.24
CA GLY I 45 -32.03 33.75 -10.95
C GLY I 45 -32.43 32.46 -11.67
N ASP I 46 -31.44 31.59 -11.93
CA ASP I 46 -31.63 30.25 -12.54
C ASP I 46 -31.54 29.16 -11.45
N ASN I 47 -30.91 29.47 -10.31
CA ASN I 47 -30.67 28.53 -9.20
C ASN I 47 -30.83 29.28 -7.87
N VAL I 48 -31.36 28.63 -6.84
CA VAL I 48 -31.62 29.23 -5.50
C VAL I 48 -31.24 28.26 -4.39
N SER I 49 -30.74 28.79 -3.28
CA SER I 49 -30.64 28.11 -1.96
C SER I 49 -31.08 29.10 -0.87
N VAL I 50 -31.31 28.63 0.36
CA VAL I 50 -31.89 29.50 1.43
C VAL I 50 -31.51 28.95 2.81
N THR I 51 -31.43 29.84 3.79
CA THR I 51 -31.27 29.51 5.24
C THR I 51 -31.90 30.65 6.04
N SER I 52 -32.24 30.42 7.31
CA SER I 52 -32.91 31.41 8.19
C SER I 52 -32.62 31.12 9.66
N TRP I 53 -32.81 32.12 10.53
CA TRP I 53 -32.63 32.04 12.01
C TRP I 53 -33.51 33.09 12.69
N LEU I 54 -33.90 32.83 13.94
CA LEU I 54 -34.76 33.72 14.77
C LEU I 54 -33.89 34.47 15.78
N VAL I 55 -34.23 35.75 16.02
CA VAL I 55 -33.73 36.57 17.16
C VAL I 55 -35.00 36.95 17.93
N GLY I 56 -35.27 36.27 19.04
CA GLY I 56 -36.60 36.26 19.67
C GLY I 56 -37.64 35.75 18.68
N SER I 57 -38.65 36.55 18.36
CA SER I 57 -39.73 36.19 17.41
C SER I 57 -39.56 36.89 16.05
N ALA I 58 -38.40 37.54 15.83
CA ALA I 58 -38.05 38.22 14.57
C ALA I 58 -37.26 37.26 13.67
N ILE I 59 -37.80 36.93 12.49
CA ILE I 59 -37.13 36.01 11.51
C ILE I 59 -36.14 36.82 10.68
N HIS I 60 -35.02 36.18 10.32
CA HIS I 60 -34.01 36.69 9.36
C HIS I 60 -33.76 35.61 8.30
N ILE I 61 -33.89 35.95 7.02
CA ILE I 61 -33.77 35.00 5.89
C ILE I 61 -32.64 35.48 4.97
N ARG I 62 -31.88 34.55 4.41
CA ARG I 62 -30.83 34.81 3.39
C ARG I 62 -31.07 33.88 2.20
N VAL I 63 -31.29 34.44 1.01
CA VAL I 63 -31.55 33.68 -0.26
C VAL I 63 -30.38 33.92 -1.21
N TYR I 64 -29.82 32.86 -1.80
CA TYR I 64 -28.63 32.92 -2.68
C TYR I 64 -29.05 32.62 -4.13
N ALA I 65 -29.30 33.68 -4.89
CA ALA I 65 -29.78 33.64 -6.30
C ALA I 65 -28.57 33.68 -7.23
N SER I 66 -28.50 32.75 -8.18
CA SER I 66 -27.33 32.53 -9.07
C SER I 66 -27.78 32.54 -10.53
N THR I 67 -27.18 33.41 -11.33
CA THR I 67 -27.30 33.43 -12.81
C THR I 67 -25.90 33.27 -13.41
N GLY I 68 -25.70 32.26 -14.25
CA GLY I 68 -24.37 31.89 -14.77
C GLY I 68 -23.39 31.63 -13.63
N THR I 69 -22.41 32.50 -13.42
CA THR I 69 -21.37 32.37 -12.38
C THR I 69 -21.54 33.44 -11.29
N THR I 70 -22.54 34.32 -11.43
CA THR I 70 -22.82 35.40 -10.44
C THR I 70 -23.84 34.89 -9.42
N THR I 71 -23.47 34.92 -8.14
CA THR I 71 -24.37 34.60 -7.00
C THR I 71 -24.59 35.87 -6.19
N THR I 72 -25.86 36.26 -6.00
CA THR I 72 -26.27 37.48 -5.25
C THR I 72 -27.05 37.06 -4.00
N GLU I 73 -26.61 37.54 -2.83
CA GLU I 73 -27.29 37.33 -1.53
C GLU I 73 -28.41 38.38 -1.40
N TRP I 74 -29.60 37.97 -0.94
CA TRP I 74 -30.75 38.87 -0.67
C TRP I 74 -31.18 38.67 0.79
N CYS I 75 -31.27 39.77 1.55
CA CYS I 75 -31.49 39.74 3.03
C CYS I 75 -32.91 40.21 3.36
N TYR I 76 -33.63 39.45 4.20
CA TYR I 76 -34.87 39.88 4.88
C TYR I 76 -34.62 39.98 6.39
N ASP I 77 -34.92 41.14 6.98
CA ASP I 77 -34.61 41.44 8.40
C ASP I 77 -35.74 42.24 9.06
N GLY I 78 -36.97 42.20 8.51
CA GLY I 78 -38.13 42.92 9.04
C GLY I 78 -38.62 44.06 8.15
N ASN I 79 -37.82 44.50 7.17
CA ASN I 79 -38.00 45.79 6.46
C ASN I 79 -37.70 45.61 4.96
N GLY I 80 -38.48 44.73 4.34
CA GLY I 80 -38.36 44.35 2.93
C GLY I 80 -37.10 43.54 2.64
N TRP I 81 -36.68 43.47 1.37
CA TRP I 81 -35.50 42.71 0.90
C TRP I 81 -34.42 43.68 0.43
N THR I 82 -33.16 43.46 0.86
CA THR I 82 -31.97 44.28 0.49
C THR I 82 -30.82 43.36 0.04
N LYS I 83 -29.88 43.90 -0.74
CA LYS I 83 -28.66 43.15 -1.18
C LYS I 83 -27.71 43.02 0.00
N GLY I 84 -27.02 41.87 0.08
CA GLY I 84 -26.08 41.53 1.17
C GLY I 84 -24.64 41.54 0.68
N ALA I 85 -23.70 41.43 1.61
CA ALA I 85 -22.25 41.64 1.39
C ALA I 85 -21.59 40.40 0.76
N TYR I 86 -22.30 39.29 0.57
CA TYR I 86 -21.73 37.99 0.10
C TYR I 86 -20.99 38.20 -1.23
N THR I 87 -19.79 37.61 -1.32
CA THR I 87 -18.93 37.51 -2.52
C THR I 87 -18.37 36.09 -2.53
N ALA I 88 -18.05 35.56 -3.71
CA ALA I 88 -17.68 34.13 -3.91
C ALA I 88 -16.18 33.84 -3.79
N THR I 89 -15.31 34.85 -3.92
CA THR I 89 -13.82 34.68 -3.82
C THR I 89 -13.19 35.82 -3.01
C1 MFU J . 30.70 -27.28 1.37
C2 MFU J . 30.30 -26.75 -0.01
C3 MFU J . 29.51 -25.45 -0.02
C4 MFU J . 30.00 -24.42 0.98
C5 MFU J . 30.20 -25.09 2.33
C6 MFU J . 30.69 -24.07 3.35
O1 MFU J . 29.65 -28.08 1.91
O2 MFU J . 29.49 -27.71 -0.69
O3 MFU J . 29.58 -24.97 -1.35
O4 MFU J . 31.20 -23.77 0.55
O5 MFU J . 31.10 -26.20 2.24
CM MFU J . 30.00 -28.73 3.16
C1 MFU K . 48.85 -24.14 3.11
C2 MFU K . 48.65 -24.06 1.60
C3 MFU K . 47.21 -24.50 1.26
C4 MFU K . 46.29 -23.58 2.04
C5 MFU K . 46.55 -23.76 3.53
C6 MFU K . 45.57 -22.91 4.32
O1 MFU K . 48.79 -25.50 3.52
O2 MFU K . 49.65 -24.84 0.92
O3 MFU K . 46.91 -24.43 -0.14
O4 MFU K . 46.50 -22.19 1.70
O5 MFU K . 47.87 -23.35 3.81
CM MFU K . 49.12 -25.67 4.90
C1 MFU L . 19.08 -12.37 2.17
C2 MFU L . 19.34 -11.85 0.75
C3 MFU L . 19.78 -10.37 0.84
C4 MFU L . 21.07 -10.33 1.64
C5 MFU L . 20.80 -10.89 3.04
C6 MFU L . 22.05 -10.77 3.94
O1 MFU L . 18.04 -11.58 2.75
O2 MFU L . 18.22 -11.97 -0.11
O3 MFU L . 19.99 -9.76 -0.43
O4 MFU L . 22.06 -11.10 0.94
O5 MFU L . 20.30 -12.26 2.93
CM MFU L . 17.74 -11.91 4.11
C1 MFU M . 25.86 4.41 5.06
C2 MFU M . 26.43 4.86 3.71
C3 MFU M . 27.92 5.17 3.82
C4 MFU M . 28.68 4.03 4.50
C5 MFU M . 28.04 3.78 5.86
C6 MFU M . 28.77 2.70 6.66
O1 MFU M . 25.78 5.52 5.95
O2 MFU M . 25.73 6.03 3.27
O3 MFU M . 28.42 5.37 2.50
O4 MFU M . 28.58 2.84 3.72
O5 MFU M . 26.69 3.38 5.63
CM MFU M . 25.19 5.20 7.21
C1 MFU N . 44.25 7.57 6.57
C2 MFU N . 44.73 7.41 5.13
C3 MFU N . 45.65 6.21 5.00
C4 MFU N . 45.12 4.95 5.69
C5 MFU N . 44.74 5.25 7.13
C6 MFU N . 44.15 4.04 7.86
O1 MFU N . 45.29 8.12 7.38
O2 MFU N . 45.40 8.61 4.74
O3 MFU N . 45.88 5.94 3.62
O4 MFU N . 43.99 4.41 4.98
O5 MFU N . 43.79 6.31 7.10
CM MFU N . 44.84 8.36 8.73
C1 MFU O . 55.76 -7.10 6.10
C2 MFU O . 55.91 -7.40 4.61
C3 MFU O . 55.51 -8.85 4.27
C4 MFU O . 54.16 -9.21 4.88
C5 MFU O . 54.17 -8.91 6.37
C6 MFU O . 52.85 -9.27 7.03
O1 MFU O . 56.78 -7.80 6.84
O2 MFU O . 57.28 -7.17 4.23
O3 MFU O . 55.50 -9.07 2.86
O4 MFU O . 53.11 -8.44 4.28
O5 MFU O . 54.44 -7.50 6.51
CM MFU O . 56.70 -7.69 8.27
C1 MFU P . 12.67 -11.68 2.63
C2 MFU P . 12.34 -11.80 1.14
C3 MFU P . 11.99 -13.25 0.81
C4 MFU P . 10.79 -13.67 1.69
C5 MFU P . 11.19 -13.50 3.16
C6 MFU P . 10.06 -13.92 4.09
O1 MFU P . 13.78 -12.54 2.91
O2 MFU P . 13.44 -11.37 0.38
O3 MFU P . 11.70 -13.43 -0.59
O4 MFU P . 9.62 -12.89 1.39
O5 MFU P . 11.55 -12.13 3.38
CM MFU P . 14.22 -12.50 4.27
C1 MFU Q . 5.84 -28.84 0.67
C2 MFU Q . 5.27 -28.67 -0.76
C3 MFU Q . 3.83 -29.15 -0.77
C4 MFU Q . 3.05 -28.40 0.32
C5 MFU Q . 3.69 -28.58 1.70
C6 MFU Q . 2.99 -27.82 2.83
O1 MFU Q . 5.88 -30.23 1.00
O2 MFU Q . 6.10 -29.35 -1.73
O3 MFU Q . 3.20 -29.00 -2.05
O4 MFU Q . 3.04 -27.01 -0.03
O5 MFU Q . 5.04 -28.14 1.65
CM MFU Q . 6.67 -30.45 2.18
C1 MFU R . -23.60 -19.16 8.08
C2 MFU R . -23.98 -18.37 6.84
C3 MFU R . -23.65 -16.87 6.97
C4 MFU R . -22.24 -16.62 7.51
C5 MFU R . -21.92 -17.57 8.68
C6 MFU R . -20.45 -17.45 9.09
O1 MFU R . -24.46 -18.74 9.16
O2 MFU R . -25.38 -18.53 6.57
O3 MFU R . -23.76 -16.17 5.72
O4 MFU R . -21.28 -16.75 6.44
O5 MFU R . -22.22 -18.94 8.36
CM MFU R . -24.17 -19.30 10.46
C1 MFU S . -12.05 -32.48 2.48
C2 MFU S . -12.67 -31.94 1.20
C3 MFU S . -13.71 -30.87 1.56
C4 MFU S . -13.09 -29.77 2.42
C5 MFU S . -12.53 -30.42 3.67
C6 MFU S . -11.94 -29.40 4.61
O1 MFU S . -13.04 -33.24 3.19
O2 MFU S . -13.27 -33.01 0.47
O3 MFU S . -14.23 -30.31 0.36
O4 MFU S . -12.04 -29.03 1.74
O5 MFU S . -11.55 -31.36 3.26
CM MFU S . -12.49 -34.09 4.21
NA NA T . -15.65 -13.97 -5.71
C1 MFU U . -16.65 -2.05 10.81
C2 MFU U . -16.49 -1.50 9.38
C3 MFU U . -15.07 -1.04 9.12
C4 MFU U . -14.18 -2.23 9.30
C5 MFU U . -14.30 -2.64 10.76
C6 MFU U . -13.31 -3.76 11.13
O1 MFU U . -16.54 -1.06 11.82
O2 MFU U . -17.45 -0.47 9.14
O3 MFU U . -14.88 -0.63 7.78
O4 MFU U . -14.58 -3.26 8.36
O5 MFU U . -15.65 -3.05 11.03
CM MFU U . -16.91 -1.54 13.12
C1 MFU V . 1.27 1.97 8.21
C2 MFU V . 1.48 2.14 6.73
C3 MFU V . 2.34 1.04 6.15
C4 MFU V . 1.97 -0.37 6.68
C5 MFU V . 1.83 -0.36 8.19
C6 MFU V . 1.41 -1.72 8.72
O1 MFU V . 2.47 2.33 8.87
O2 MFU V . 2.12 3.41 6.52
O3 MFU V . 2.27 1.07 4.72
O4 MFU V . 0.72 -0.86 6.14
O5 MFU V . 0.86 0.61 8.53
CM MFU V . 2.28 2.53 10.28
C1 MFU W . -20.04 10.15 11.46
C2 MFU W . -20.13 9.80 9.95
C3 MFU W . -21.51 9.25 9.64
C4 MFU W . -22.57 10.26 10.06
C5 MFU W . -22.42 10.57 11.55
C6 MFU W . -23.46 11.59 12.02
O1 MFU W . -20.08 9.01 12.36
O2 MFU W . -19.10 8.90 9.53
O3 MFU W . -21.64 8.99 8.24
O4 MFU W . -22.45 11.46 9.29
O5 MFU W . -21.11 11.07 11.78
CM MFU W . -20.03 9.33 13.77
C1 MFU X . -14.01 27.40 9.29
C2 MFU X . -13.90 26.82 7.88
C3 MFU X . -14.05 25.31 7.91
C4 MFU X . -15.35 24.92 8.61
C5 MFU X . -15.45 25.57 9.97
C6 MFU X . -16.82 25.31 10.57
O1 MFU X . -12.91 27.00 10.15
O2 MFU X . -12.65 27.15 7.26
O3 MFU X . -14.03 24.81 6.57
O4 MFU X . -16.47 25.35 7.82
O5 MFU X . -15.26 26.99 9.86
CM MFU X . -13.01 27.55 11.47
C1 MFU Y . -38.13 6.61 8.49
C2 MFU Y . -38.35 6.68 6.99
C3 MFU Y . -39.31 7.79 6.59
C4 MFU Y . -39.00 9.11 7.29
C5 MFU Y . -38.79 8.86 8.79
C6 MFU Y . -38.43 10.14 9.53
O1 MFU Y . -39.29 6.12 9.16
O2 MFU Y . -38.87 5.43 6.53
O3 MFU Y . -39.27 7.96 5.16
O4 MFU Y . -37.82 9.70 6.71
O5 MFU Y . -37.77 7.90 8.99
CM MFU Y . -39.12 5.97 10.58
C1 MFU Z . -50.29 20.52 6.00
C2 MFU Z . -50.16 20.85 4.49
C3 MFU Z . -49.67 22.28 4.27
C4 MFU Z . -48.41 22.57 5.11
C5 MFU Z . -48.61 22.13 6.57
C6 MFU Z . -47.36 22.30 7.42
O1 MFU Z . -51.33 21.30 6.60
O2 MFU Z . -51.40 20.68 3.80
O3 MFU Z . -49.42 22.43 2.88
O4 MFU Z . -47.25 21.91 4.54
O5 MFU Z . -49.03 20.76 6.65
CM MFU Z . -51.68 20.89 7.93
NA NA AA . -30.43 20.30 11.71
C1 MFU BA . -43.81 37.92 4.45
C2 MFU BA . -43.24 37.91 3.02
C3 MFU BA . -41.75 38.19 3.07
C4 MFU BA . -41.13 37.19 4.03
C5 MFU BA . -41.70 37.35 5.42
C6 MFU BA . -41.01 36.39 6.38
O1 MFU BA . -43.79 39.27 4.95
O2 MFU BA . -43.86 38.89 2.20
O3 MFU BA . -41.15 38.12 1.76
O4 MFU BA . -41.51 35.86 3.64
O5 MFU BA . -43.08 37.06 5.33
CM MFU BA . -44.48 39.43 6.19
C1 MFU CA . -25.85 41.32 6.45
C2 MFU CA . -25.43 40.90 5.04
C3 MFU CA . -24.22 39.97 5.16
C4 MFU CA . -24.60 38.74 6.00
C5 MFU CA . -25.15 39.16 7.36
C6 MFU CA . -25.68 37.95 8.15
O1 MFU CA . -24.82 42.04 7.12
O2 MFU CA . -25.12 42.05 4.24
O3 MFU CA . -23.77 39.54 3.89
O4 MFU CA . -25.53 37.90 5.29
O5 MFU CA . -26.19 40.14 7.21
CM MFU CA . -25.18 42.35 8.46
#